data_8B67
#
_entry.id   8B67
#
_cell.length_a   162.061
_cell.length_b   67.360
_cell.length_c   152.129
_cell.angle_alpha   90.000
_cell.angle_beta   111.480
_cell.angle_gamma   90.000
#
_symmetry.space_group_name_H-M   'C 1 2 1'
#
loop_
_entity.id
_entity.type
_entity.pdbx_description
1 polymer 'DNA polymerase epsilon catalytic subunit A'
2 polymer 'Primer DNA sequence'
3 polymer 'Template DNA sequence'
4 non-polymer 'CALCIUM ION'
5 non-polymer "CYTIDINE-5'-TRIPHOSPHATE"
6 non-polymer 'ACETATE ION'
7 water water
#
loop_
_entity_poly.entity_id
_entity_poly.type
_entity_poly.pdbx_seq_one_letter_code
_entity_poly.pdbx_strand_id
1 'polypeptide(L)'
;GGDPHMMFGKKKNNGGSSTARYSAGNKYNTLSNNYALSAQQLLNASKIDDIDSMMGFERYVPPQYNGRFDAKDIDQIPGR
VGWLTNMHATLVSQETLSSGSNGGGNSNDGERVTTNQGISGVDFYFLDEEGGSFKSTVVYDPYFFIACNDESRVNDVEEL
VKKYLESCLKSLQIIRKEDLTMDNHLLGLQKTLIKLSFVNSNQLFEARKLLRPILQDNANNNVQRNIYNVAANGSEKVDA
KHLIEDIREYDVPYHVRVSIDKDIRVGKWYKVTQQGFIEDTRKIAFADPVVMAFDIETTKPPLKFPDSAVDQIMMISYMI
DGEGFLITNREIISEDIEDFEYTPKPEYPGFFTIFNENDEVALLQRFFEHIRDVRPTVISTFNGDFFDWPFIHNRSKIHG
LDMFDEIGFAPDAEGEYKSSYCSHMDCFRWVKRDSYLPQGSQGLKAVTQSKLGYNPIELDPELMTPYAFEKPQHLSEYSV
SDAVATYYLYMKYVHPFIFSLCTIIPLNPDETLRKGTGTLCEMLLMVQAYQHNILLPNKHTDPIERFYDGHLLESETYVG
GHVESLEAGVFRSDLKNEFKIDPSAIDELLQELPEALKFSVEVENKSSVDKVTNFEEIKNQITQKLLELKENNIRNELPL
IYHVDVASGYPNIMTTNRLQPDSIKAERDCASCDFNRPGKTCARKLKWAWRGEFFPSKMDEYNMIKRALQNETFPNKNKF
SKKKVLTFDELSYADQVIHIKKRLTEYSRKVYHRVKVSEIVEREAIVCQRENPFYVDTVKSFRDRRYEFKGLAKTWKGNL
SKIDPSDKHARDEAKKMIVLYDSLQLAHKVILNSFYGYVMRKGSRWYSMEMAGITCLTGATIIQMARALVERVGRPLELD
TDGIWCILPKSFPETYFFTLENGKKLYLSYPCSMLNYRVHQKFTNHQYQELKDPLNYIYETHSENTIFFEVDGPYKAMIL
PSSKEEGKGIKKRYAVFNEDGSLAELKGFELKRRGELQLIKNFQSDIFKVFLEGDTLEGCYSAVASVCNRWLDVLDSHGL
MLEDEDLVSLICENRSMSKTLKEYEGQKSTSITTARRLGDFLGEDMVKDKGLQCKYIISSKPFNAPVTERAIPVAIFSAD
IPIKRSFLRRWTLDPSLEDLDIRTIIDWGYYRERLGSAIQKIITIPAALQGVSNPVPRVEHPDWLKRKIAT
;
A
2 'polydeoxyribonucleotide' (DT)(DA)(DA)(DC)(DC)(DG)(DC)(DG)(DT)(DT)(DOC) P
3 'polydeoxyribonucleotide' (DC)(DT)(DC)(DT)(DG)(DG)(DA)(DA)(DC)(DG)(DC)(DG)(DG)(DT)(DT)(DA) T
#
loop_
_chem_comp.id
_chem_comp.type
_chem_comp.name
_chem_comp.formula
ACT non-polymer 'ACETATE ION' 'C2 H3 O2 -1'
CA non-polymer 'CALCIUM ION' 'Ca 2'
CTP non-polymer CYTIDINE-5'-TRIPHOSPHATE 'C9 H16 N3 O14 P3'
DA DNA linking 2'-DEOXYADENOSINE-5'-MONOPHOSPHATE 'C10 H14 N5 O6 P'
DC DNA linking 2'-DEOXYCYTIDINE-5'-MONOPHOSPHATE 'C9 H14 N3 O7 P'
DG DNA linking 2'-DEOXYGUANOSINE-5'-MONOPHOSPHATE 'C10 H14 N5 O7 P'
DOC DNA linking 2',3'-DIDEOXYCYTIDINE-5'-MONOPHOSPHATE 'C9 H14 N3 O6 P'
DT DNA linking THYMIDINE-5'-MONOPHOSPHATE 'C10 H15 N2 O8 P'
#
# COMPACT_ATOMS: atom_id res chain seq x y z
N ASN A 34 12.17 15.00 35.17
CA ASN A 34 12.25 16.30 35.85
C ASN A 34 12.07 17.44 34.87
N TYR A 35 12.50 18.64 35.29
CA TYR A 35 12.60 19.76 34.36
C TYR A 35 13.82 19.62 33.46
N ALA A 36 14.67 18.61 33.69
CA ALA A 36 15.83 18.39 32.84
C ALA A 36 15.42 17.96 31.44
N LEU A 37 14.26 17.31 31.30
CA LEU A 37 13.76 16.97 29.97
C LEU A 37 13.60 18.22 29.12
N SER A 38 13.17 19.32 29.73
CA SER A 38 13.10 20.59 29.02
C SER A 38 14.48 21.17 28.76
N ALA A 39 15.48 20.81 29.57
CA ALA A 39 16.84 21.28 29.32
C ALA A 39 17.46 20.53 28.15
N GLN A 40 17.31 19.20 28.13
CA GLN A 40 17.78 18.40 27.00
C GLN A 40 17.10 18.85 25.71
N GLN A 41 15.78 19.05 25.77
CA GLN A 41 15.04 19.45 24.58
C GLN A 41 15.36 20.88 24.17
N LEU A 42 15.68 21.75 25.12
CA LEU A 42 16.10 23.10 24.77
C LEU A 42 17.50 23.12 24.20
N LEU A 43 18.39 22.25 24.68
CA LEU A 43 19.73 22.16 24.12
C LEU A 43 19.70 21.64 22.70
N ASN A 44 18.84 20.65 22.43
CA ASN A 44 18.64 20.19 21.05
C ASN A 44 18.15 21.33 20.17
N ALA A 45 17.17 22.09 20.67
CA ALA A 45 16.63 23.20 19.88
C ALA A 45 17.67 24.28 19.62
N SER A 46 18.64 24.43 20.52
CA SER A 46 19.69 25.42 20.31
C SER A 46 20.68 24.97 19.26
N LYS A 47 21.02 23.68 19.23
CA LYS A 47 21.90 23.17 18.19
C LYS A 47 21.20 23.12 16.84
N ILE A 48 19.90 22.84 16.84
CA ILE A 48 19.13 22.85 15.59
C ILE A 48 19.07 24.27 15.03
N ASP A 49 18.82 25.26 15.88
CA ASP A 49 18.81 26.65 15.44
C ASP A 49 20.16 27.05 14.87
N ASP A 50 21.24 26.59 15.51
CA ASP A 50 22.58 26.89 15.00
C ASP A 50 22.84 26.22 13.66
N ILE A 51 22.33 25.00 13.47
CA ILE A 51 22.48 24.32 12.18
C ILE A 51 21.59 24.96 11.13
N ASP A 52 20.36 25.31 11.51
CA ASP A 52 19.46 25.99 10.58
C ASP A 52 20.08 27.29 10.07
N SER A 53 20.65 28.08 10.97
CA SER A 53 21.29 29.33 10.58
C SER A 53 22.45 29.08 9.63
N MET A 54 23.24 28.04 9.89
CA MET A 54 24.35 27.71 9.00
C MET A 54 23.84 27.33 7.61
N MET A 55 22.70 26.66 7.53
CA MET A 55 22.06 26.33 6.26
C MET A 55 21.14 27.44 5.76
N GLY A 56 21.19 28.61 6.37
CA GLY A 56 20.39 29.73 5.90
C GLY A 56 18.96 29.73 6.38
N PHE A 57 18.73 29.38 7.65
CA PHE A 57 17.41 29.45 8.26
C PHE A 57 17.53 30.13 9.62
N GLU A 58 17.80 31.43 9.60
CA GLU A 58 17.69 32.23 10.80
C GLU A 58 16.22 32.51 11.10
N ARG A 59 15.90 32.61 12.37
CA ARG A 59 14.52 32.87 12.76
C ARG A 59 14.10 34.26 12.33
N TYR A 60 12.91 34.36 11.72
CA TYR A 60 12.40 35.68 11.28
C TYR A 60 11.25 36.08 12.18
N VAL A 61 11.40 37.18 12.91
CA VAL A 61 10.27 37.69 13.72
C VAL A 61 9.58 38.75 12.88
N PRO A 62 8.26 38.69 12.67
CA PRO A 62 7.58 39.62 11.78
C PRO A 62 7.38 41.02 12.38
N PRO A 63 7.42 42.10 11.56
CA PRO A 63 7.24 43.46 12.05
C PRO A 63 5.89 43.71 12.76
N GLN A 64 5.88 44.57 13.78
CA GLN A 64 4.66 44.83 14.58
C GLN A 64 3.64 45.65 13.78
N TYR A 65 2.35 45.42 14.02
CA TYR A 65 1.26 46.12 13.30
C TYR A 65 0.13 45.86 14.29
N ASN A 66 -0.50 46.92 14.80
CA ASN A 66 -1.65 46.78 15.73
C ASN A 66 -2.91 47.03 14.91
N GLY A 67 -2.78 46.94 13.60
CA GLY A 67 -3.92 47.18 12.69
C GLY A 67 -4.65 45.90 12.34
N ARG A 68 -5.71 46.02 11.54
CA ARG A 68 -6.54 44.83 11.23
C ARG A 68 -5.95 43.87 10.20
N PHE A 69 -6.30 42.59 10.31
CA PHE A 69 -5.83 41.58 9.39
C PHE A 69 -6.97 41.26 8.43
N ASP A 70 -6.81 41.67 7.17
CA ASP A 70 -7.80 41.39 6.13
C ASP A 70 -7.08 40.72 4.98
N ALA A 71 -7.60 39.58 4.51
CA ALA A 71 -6.92 38.81 3.48
C ALA A 71 -6.66 39.64 2.24
N LYS A 72 -7.57 40.54 1.90
CA LYS A 72 -7.39 41.41 0.74
C LYS A 72 -6.25 42.41 0.93
N ASP A 73 -5.90 42.73 2.17
CA ASP A 73 -4.85 43.69 2.46
C ASP A 73 -3.46 43.05 2.50
N ILE A 74 -3.32 41.81 2.03
CA ILE A 74 -2.13 41.01 2.31
C ILE A 74 -0.86 41.78 1.92
N ASP A 75 -0.87 42.41 0.75
CA ASP A 75 0.30 43.17 0.35
C ASP A 75 0.55 44.36 1.27
N GLN A 76 -0.50 44.84 1.95
CA GLN A 76 -0.33 45.97 2.86
C GLN A 76 0.17 45.51 4.24
N ILE A 77 -0.27 44.35 4.71
CA ILE A 77 0.20 43.92 6.04
C ILE A 77 1.70 43.70 6.00
N PRO A 78 2.45 44.16 7.00
CA PRO A 78 3.91 43.98 7.01
C PRO A 78 4.29 42.56 7.39
N GLY A 79 5.15 41.95 6.58
CA GLY A 79 5.61 40.61 6.87
C GLY A 79 6.48 40.08 5.75
N ARG A 80 6.78 38.79 5.82
CA ARG A 80 7.58 38.10 4.83
C ARG A 80 6.75 36.99 4.18
N VAL A 81 6.92 36.82 2.87
CA VAL A 81 6.18 35.85 2.09
C VAL A 81 7.14 34.71 1.71
N GLY A 82 6.68 33.48 1.91
CA GLY A 82 7.51 32.33 1.60
C GLY A 82 6.68 31.08 1.35
N TRP A 83 7.30 30.13 0.66
CA TRP A 83 6.69 28.84 0.38
C TRP A 83 7.09 27.85 1.47
N LEU A 84 6.09 27.25 2.12
CA LEU A 84 6.35 26.36 3.25
C LEU A 84 6.89 25.03 2.75
N THR A 85 8.13 24.71 3.13
CA THR A 85 8.78 23.48 2.71
C THR A 85 8.87 22.42 3.81
N ASN A 86 8.87 22.83 5.08
CA ASN A 86 9.02 21.89 6.17
C ASN A 86 8.40 22.49 7.43
N MET A 87 8.31 21.66 8.47
CA MET A 87 7.79 22.06 9.76
C MET A 87 8.17 21.04 10.83
N HIS A 88 8.63 21.51 11.98
CA HIS A 88 9.08 20.62 13.06
C HIS A 88 8.69 21.20 14.40
N ALA A 89 8.31 20.32 15.33
CA ALA A 89 8.07 20.74 16.69
C ALA A 89 9.39 21.10 17.38
N THR A 90 9.29 21.91 18.44
CA THR A 90 10.47 22.43 19.09
C THR A 90 10.11 22.89 20.51
N LEU A 91 11.13 23.35 21.22
CA LEU A 91 10.98 24.00 22.52
C LEU A 91 11.70 25.34 22.47
N VAL A 92 11.04 26.38 22.99
CA VAL A 92 11.59 27.73 22.98
C VAL A 92 11.57 28.31 24.39
N SER A 93 12.45 29.27 24.62
CA SER A 93 12.55 29.96 25.90
C SER A 93 11.85 31.31 25.83
N GLN A 94 11.66 31.91 27.00
CA GLN A 94 11.00 33.21 27.08
C GLN A 94 11.82 34.26 26.36
N GLU A 95 11.21 34.89 25.36
CA GLU A 95 11.89 35.90 24.54
C GLU A 95 10.96 37.05 24.22
N ASN A 116 11.15 29.69 33.25
CA ASN A 116 12.41 28.97 33.10
C ASN A 116 12.22 27.73 32.22
N GLN A 117 11.02 27.17 32.24
CA GLN A 117 10.74 25.98 31.45
C GLN A 117 10.36 26.38 30.02
N GLY A 118 10.61 25.46 29.09
CA GLY A 118 10.40 25.74 27.69
C GLY A 118 8.94 25.81 27.31
N ILE A 119 8.69 26.44 26.16
CA ILE A 119 7.34 26.61 25.63
C ILE A 119 7.25 25.87 24.30
N SER A 120 6.18 25.08 24.14
CA SER A 120 6.03 24.27 22.94
C SER A 120 5.71 25.14 21.73
N GLY A 121 6.28 24.77 20.59
CA GLY A 121 6.04 25.49 19.35
C GLY A 121 6.47 24.65 18.17
N VAL A 122 6.22 25.19 16.97
CA VAL A 122 6.58 24.55 15.72
C VAL A 122 7.33 25.55 14.86
N ASP A 123 8.57 25.23 14.51
CA ASP A 123 9.28 26.02 13.51
C ASP A 123 8.77 25.67 12.12
N PHE A 124 8.56 26.69 11.30
CA PHE A 124 8.11 26.51 9.93
C PHE A 124 9.21 27.00 8.99
N TYR A 125 9.61 26.15 8.04
CA TYR A 125 10.74 26.43 7.17
C TYR A 125 10.22 26.92 5.83
N PHE A 126 10.76 28.06 5.37
CA PHE A 126 10.21 28.78 4.23
C PHE A 126 11.27 29.04 3.17
N LEU A 127 10.83 29.05 1.92
CA LEU A 127 11.61 29.52 0.79
C LEU A 127 10.96 30.80 0.28
N ASP A 128 11.68 31.91 0.35
CA ASP A 128 11.10 33.20 0.01
C ASP A 128 11.22 33.47 -1.49
N GLU A 129 10.50 34.50 -1.93
CA GLU A 129 10.47 34.85 -3.35
C GLU A 129 11.80 35.43 -3.83
N GLU A 130 12.68 35.86 -2.92
CA GLU A 130 13.95 36.44 -3.27
C GLU A 130 15.07 35.42 -3.35
N GLY A 131 14.74 34.14 -3.52
CA GLY A 131 15.73 33.09 -3.63
C GLY A 131 16.34 32.63 -2.33
N GLY A 132 16.20 33.40 -1.25
CA GLY A 132 16.73 33.03 0.05
C GLY A 132 15.79 32.12 0.81
N SER A 133 15.97 32.10 2.13
CA SER A 133 15.17 31.23 2.97
C SER A 133 15.18 31.76 4.40
N PHE A 134 14.21 31.29 5.19
CA PHE A 134 14.08 31.66 6.59
C PHE A 134 13.14 30.66 7.26
N LYS A 135 13.18 30.66 8.58
CA LYS A 135 12.24 29.89 9.39
C LYS A 135 11.46 30.83 10.29
N SER A 136 10.26 30.41 10.69
CA SER A 136 9.42 31.22 11.56
C SER A 136 8.64 30.29 12.49
N THR A 137 8.60 30.64 13.77
CA THR A 137 8.03 29.81 14.81
C THR A 137 6.62 30.27 15.17
N VAL A 138 5.81 29.33 15.66
CA VAL A 138 4.48 29.60 16.20
C VAL A 138 4.37 28.86 17.52
N VAL A 139 3.83 29.54 18.54
CA VAL A 139 3.65 28.96 19.87
C VAL A 139 2.19 28.57 20.04
N TYR A 140 1.96 27.44 20.71
CA TYR A 140 0.60 26.93 20.89
C TYR A 140 0.59 25.93 22.03
N ASP A 141 -0.23 26.18 23.04
CA ASP A 141 -0.28 25.32 24.22
C ASP A 141 -0.93 23.98 23.89
N PRO A 142 -0.26 22.86 24.11
CA PRO A 142 -0.90 21.56 23.90
C PRO A 142 -2.05 21.37 24.88
N TYR A 143 -3.06 20.60 24.47
CA TYR A 143 -4.24 20.42 25.29
C TYR A 143 -4.87 19.06 25.04
N PHE A 144 -5.65 18.62 26.03
CA PHE A 144 -6.55 17.49 25.87
C PHE A 144 -7.75 17.71 26.77
N PHE A 145 -8.80 16.91 26.54
CA PHE A 145 -10.08 17.11 27.19
C PHE A 145 -10.33 16.06 28.27
N ILE A 146 -11.21 16.43 29.21
CA ILE A 146 -11.79 15.51 30.17
C ILE A 146 -13.29 15.47 29.92
N ALA A 147 -13.84 14.26 29.82
CA ALA A 147 -15.28 14.08 29.78
C ALA A 147 -15.78 13.67 31.15
N CYS A 148 -17.06 13.95 31.41
CA CYS A 148 -17.66 13.69 32.71
C CYS A 148 -18.77 12.66 32.58
N ASN A 149 -19.13 12.08 33.74
CA ASN A 149 -20.30 11.22 33.78
C ASN A 149 -21.59 12.03 33.94
N ASP A 150 -21.51 13.19 34.57
CA ASP A 150 -22.68 14.03 34.82
C ASP A 150 -22.31 15.48 34.55
N GLU A 151 -23.15 16.16 33.77
CA GLU A 151 -22.88 17.52 33.32
C GLU A 151 -23.38 18.59 34.29
N SER A 152 -24.08 18.21 35.35
CA SER A 152 -24.51 19.19 36.33
C SER A 152 -23.43 19.53 37.35
N ARG A 153 -22.37 18.71 37.43
CA ARG A 153 -21.30 18.89 38.39
C ARG A 153 -19.94 19.04 37.71
N VAL A 154 -19.90 19.67 36.54
CA VAL A 154 -18.63 19.87 35.86
C VAL A 154 -17.73 20.79 36.67
N ASN A 155 -18.30 21.83 37.28
CA ASN A 155 -17.50 22.76 38.05
C ASN A 155 -16.87 22.08 39.27
N ASP A 156 -17.59 21.13 39.87
CA ASP A 156 -17.00 20.33 40.94
C ASP A 156 -15.79 19.55 40.43
N VAL A 157 -15.93 18.94 39.25
CA VAL A 157 -14.80 18.27 38.62
C VAL A 157 -13.67 19.25 38.39
N GLU A 158 -13.99 20.42 37.83
CA GLU A 158 -12.97 21.42 37.50
C GLU A 158 -12.14 21.81 38.72
N GLU A 159 -12.79 21.97 39.87
CA GLU A 159 -12.08 22.38 41.08
C GLU A 159 -11.05 21.34 41.49
N LEU A 160 -11.45 20.07 41.52
CA LEU A 160 -10.54 18.99 41.90
C LEU A 160 -9.31 18.96 41.00
N VAL A 161 -9.53 19.03 39.68
CA VAL A 161 -8.42 18.98 38.73
C VAL A 161 -7.49 20.17 38.91
N LYS A 162 -8.02 21.32 39.32
CA LYS A 162 -7.19 22.50 39.53
C LYS A 162 -6.18 22.31 40.64
N LYS A 163 -6.45 21.42 41.59
CA LYS A 163 -5.54 21.17 42.71
C LYS A 163 -4.62 20.00 42.46
N TYR A 164 -5.14 18.90 41.92
CA TYR A 164 -4.30 17.73 41.65
C TYR A 164 -3.19 18.07 40.66
N LEU A 165 -3.50 18.85 39.63
CA LEU A 165 -2.48 19.20 38.65
C LEU A 165 -2.02 20.65 38.79
N GLU A 166 -1.64 21.05 40.00
CA GLU A 166 -1.16 22.41 40.21
C GLU A 166 0.14 22.65 39.47
N SER A 167 1.07 21.69 39.51
CA SER A 167 2.37 21.82 38.87
C SER A 167 2.34 21.45 37.40
N CYS A 168 1.16 21.29 36.81
CA CYS A 168 1.02 20.93 35.40
C CYS A 168 0.16 21.92 34.64
N LEU A 169 -1.04 22.22 35.15
CA LEU A 169 -2.03 22.96 34.40
C LEU A 169 -1.63 24.41 34.19
N LYS A 170 -1.85 24.90 32.98
CA LYS A 170 -1.70 26.32 32.66
C LYS A 170 -3.04 27.02 32.50
N SER A 171 -4.02 26.37 31.88
CA SER A 171 -5.36 26.91 31.74
C SER A 171 -6.38 25.79 31.94
N LEU A 172 -7.64 26.19 32.04
CA LEU A 172 -8.75 25.27 32.13
C LEU A 172 -9.97 25.98 31.58
N GLN A 173 -10.74 25.29 30.73
CA GLN A 173 -11.83 25.93 30.02
C GLN A 173 -12.92 24.93 29.72
N ILE A 174 -14.16 25.41 29.66
CA ILE A 174 -15.31 24.59 29.33
C ILE A 174 -15.61 24.74 27.84
N ILE A 175 -15.48 23.65 27.10
CA ILE A 175 -15.69 23.62 25.67
C ILE A 175 -16.88 22.71 25.36
N ARG A 176 -17.67 23.08 24.36
CA ARG A 176 -18.77 22.25 23.88
C ARG A 176 -18.40 21.68 22.52
N LYS A 177 -18.63 20.38 22.35
CA LYS A 177 -18.34 19.71 21.09
C LYS A 177 -19.44 18.70 20.80
N GLU A 178 -19.57 18.36 19.52
CA GLU A 178 -20.53 17.35 19.10
C GLU A 178 -19.96 15.96 19.34
N ASP A 179 -20.80 15.08 19.86
CA ASP A 179 -20.43 13.70 20.18
C ASP A 179 -21.34 12.78 19.39
N LEU A 180 -20.79 12.16 18.34
CA LEU A 180 -21.60 11.30 17.47
C LEU A 180 -22.09 10.05 18.17
N THR A 181 -21.54 9.71 19.34
CA THR A 181 -22.00 8.60 20.14
C THR A 181 -23.02 9.01 21.20
N MET A 182 -23.56 10.22 21.10
CA MET A 182 -24.40 10.80 22.13
C MET A 182 -25.82 10.97 21.62
N ASP A 183 -26.79 10.72 22.50
CA ASP A 183 -28.19 10.76 22.11
C ASP A 183 -28.64 12.19 21.81
N ASN A 184 -29.56 12.31 20.85
CA ASN A 184 -30.15 13.58 20.43
C ASN A 184 -29.09 14.60 20.01
N HIS A 185 -27.88 14.16 19.69
CA HIS A 185 -26.89 15.05 19.11
C HIS A 185 -27.26 15.51 17.71
N LEU A 186 -28.26 14.86 17.09
CA LEU A 186 -28.78 15.28 15.80
C LEU A 186 -29.76 16.44 15.91
N LEU A 187 -30.27 16.73 17.10
CA LEU A 187 -31.17 17.86 17.33
C LEU A 187 -30.44 19.07 17.91
N GLY A 188 -29.12 19.00 18.04
CA GLY A 188 -28.33 20.13 18.51
C GLY A 188 -27.62 19.91 19.83
N LEU A 189 -27.85 18.78 20.52
CA LEU A 189 -27.23 18.55 21.81
C LEU A 189 -25.72 18.39 21.65
N GLN A 190 -24.97 19.00 22.56
CA GLN A 190 -23.51 18.96 22.57
C GLN A 190 -23.01 18.43 23.90
N LYS A 191 -21.77 17.96 23.91
CA LYS A 191 -21.13 17.42 25.10
C LYS A 191 -20.21 18.47 25.71
N THR A 192 -20.29 18.62 27.04
CA THR A 192 -19.44 19.55 27.77
C THR A 192 -18.10 18.89 28.09
N LEU A 193 -17.02 19.65 27.89
CA LEU A 193 -15.68 19.14 28.11
C LEU A 193 -14.84 20.16 28.84
N ILE A 194 -13.82 19.68 29.56
CA ILE A 194 -12.83 20.52 30.21
C ILE A 194 -11.55 20.43 29.40
N LYS A 195 -11.10 21.56 28.86
CA LYS A 195 -9.93 21.62 28.00
C LYS A 195 -8.73 22.03 28.84
N LEU A 196 -7.80 21.11 29.05
CA LEU A 196 -6.64 21.30 29.92
C LEU A 196 -5.45 21.73 29.07
N SER A 197 -4.89 22.89 29.37
CA SER A 197 -3.78 23.46 28.60
C SER A 197 -2.50 23.48 29.42
N PHE A 198 -1.37 23.41 28.73
CA PHE A 198 -0.06 23.29 29.37
C PHE A 198 0.96 24.14 28.64
N VAL A 199 2.05 24.45 29.33
CA VAL A 199 3.12 25.27 28.76
C VAL A 199 3.77 24.54 27.59
N ASN A 200 4.28 23.34 27.85
CA ASN A 200 4.92 22.54 26.80
C ASN A 200 4.33 21.14 26.75
N SER A 201 4.92 20.26 25.94
CA SER A 201 4.39 18.92 25.77
C SER A 201 4.69 18.02 26.97
N ASN A 202 5.78 18.30 27.71
CA ASN A 202 6.12 17.44 28.84
C ASN A 202 5.11 17.57 29.96
N GLN A 203 4.64 18.79 30.25
CA GLN A 203 3.66 18.97 31.31
C GLN A 203 2.33 18.29 30.98
N LEU A 204 2.00 18.18 29.68
CA LEU A 204 0.82 17.43 29.30
C LEU A 204 0.97 15.96 29.65
N PHE A 205 2.07 15.35 29.24
CA PHE A 205 2.34 13.96 29.60
C PHE A 205 2.47 13.80 31.11
N GLU A 206 2.95 14.84 31.80
CA GLU A 206 3.00 14.79 33.25
C GLU A 206 1.60 14.80 33.87
N ALA A 207 0.64 15.45 33.20
CA ALA A 207 -0.75 15.36 33.65
C ALA A 207 -1.28 13.94 33.43
N ARG A 208 -1.17 13.43 32.21
CA ARG A 208 -1.68 12.10 31.89
C ARG A 208 -1.15 11.04 32.86
N LYS A 209 0.12 11.16 33.25
CA LYS A 209 0.67 10.23 34.22
C LYS A 209 0.00 10.36 35.58
N LEU A 210 -0.46 11.57 35.92
CA LEU A 210 -1.12 11.78 37.21
C LEU A 210 -2.58 11.35 37.18
N LEU A 211 -3.24 11.44 36.02
CA LEU A 211 -4.65 11.09 35.91
C LEU A 211 -4.89 9.60 35.72
N ARG A 212 -3.85 8.81 35.47
CA ARG A 212 -4.05 7.38 35.25
C ARG A 212 -4.48 6.69 36.54
N PRO A 213 -3.90 7.01 37.70
CA PRO A 213 -4.47 6.47 38.96
C PRO A 213 -5.96 6.76 39.13
N ILE A 214 -6.38 8.00 38.93
CA ILE A 214 -7.79 8.35 39.14
C ILE A 214 -8.67 7.68 38.10
N LEU A 215 -8.15 7.46 36.89
CA LEU A 215 -8.92 6.76 35.87
C LEU A 215 -9.04 5.28 36.17
N GLN A 216 -8.02 4.70 36.82
CA GLN A 216 -8.02 3.27 37.07
C GLN A 216 -8.92 2.89 38.24
N ASP A 217 -8.97 3.73 39.27
CA ASP A 217 -9.91 3.50 40.37
C ASP A 217 -11.34 3.48 39.87
N ASN A 218 -11.78 4.59 39.27
CA ASN A 218 -13.13 4.71 38.73
C ASN A 218 -13.33 3.73 37.57
N GLN A 224 -13.77 5.46 50.62
CA GLN A 224 -14.69 4.51 51.22
C GLN A 224 -15.76 5.24 52.03
N ARG A 225 -16.97 4.69 52.04
CA ARG A 225 -18.09 5.29 52.75
C ARG A 225 -18.87 4.19 53.47
N ASN A 226 -19.79 4.61 54.33
CA ASN A 226 -20.64 3.65 55.02
C ASN A 226 -21.51 2.92 54.02
N ILE A 227 -21.63 1.61 54.21
CA ILE A 227 -22.42 0.78 53.32
C ILE A 227 -23.92 1.03 53.55
N TYR A 228 -24.30 1.25 54.80
CA TYR A 228 -25.67 1.64 55.12
C TYR A 228 -25.85 3.11 54.80
N ASN A 229 -26.79 3.42 53.91
CA ASN A 229 -27.05 4.80 53.51
C ASN A 229 -27.61 5.61 54.67
N VAL A 238 -21.48 12.31 45.24
CA VAL A 238 -20.36 11.37 45.21
C VAL A 238 -19.06 12.16 45.15
N ASP A 239 -17.93 11.47 45.33
CA ASP A 239 -16.63 12.11 45.23
C ASP A 239 -16.47 12.79 43.88
N ALA A 240 -15.69 13.87 43.86
CA ALA A 240 -15.47 14.61 42.63
C ALA A 240 -14.58 13.85 41.64
N LYS A 241 -13.85 12.83 42.10
CA LYS A 241 -12.96 12.08 41.23
C LYS A 241 -13.70 11.01 40.43
N HIS A 242 -14.84 10.52 40.93
CA HIS A 242 -15.55 9.43 40.29
C HIS A 242 -16.45 9.90 39.15
N LEU A 243 -16.59 11.22 38.93
CA LEU A 243 -17.28 11.72 37.74
C LEU A 243 -16.37 11.85 36.53
N ILE A 244 -15.05 11.78 36.71
CA ILE A 244 -14.16 11.78 35.55
C ILE A 244 -14.39 10.49 34.77
N GLU A 245 -14.79 10.64 33.51
CA GLU A 245 -15.15 9.49 32.68
C GLU A 245 -13.94 8.98 31.91
N ASP A 246 -13.50 9.75 30.91
CA ASP A 246 -12.30 9.44 30.15
C ASP A 246 -11.66 10.75 29.74
N ILE A 247 -10.49 10.66 29.12
CA ILE A 247 -9.81 11.82 28.55
C ILE A 247 -9.72 11.60 27.04
N ARG A 248 -9.89 12.68 26.28
CA ARG A 248 -9.97 12.59 24.82
C ARG A 248 -8.99 13.55 24.17
N GLU A 249 -8.60 13.22 22.94
CA GLU A 249 -7.67 14.02 22.14
C GLU A 249 -6.34 14.24 22.85
N TYR A 250 -5.94 13.25 23.66
CA TYR A 250 -4.70 13.33 24.43
C TYR A 250 -3.49 12.84 23.65
N ASP A 251 -3.70 12.03 22.61
CA ASP A 251 -2.61 11.38 21.90
C ASP A 251 -2.47 11.90 20.46
N VAL A 252 -2.88 13.14 20.22
CA VAL A 252 -2.62 13.78 18.93
C VAL A 252 -1.18 14.28 18.92
N PRO A 253 -0.38 13.95 17.90
CA PRO A 253 0.99 14.46 17.85
C PRO A 253 0.98 15.98 17.78
N TYR A 254 1.83 16.61 18.61
CA TYR A 254 1.76 18.05 18.83
C TYR A 254 1.80 18.83 17.52
N HIS A 255 2.80 18.54 16.67
CA HIS A 255 2.94 19.28 15.43
C HIS A 255 1.73 19.11 14.52
N VAL A 256 1.01 17.99 14.65
CA VAL A 256 -0.23 17.81 13.90
C VAL A 256 -1.35 18.63 14.52
N ARG A 257 -1.42 18.66 15.86
CA ARG A 257 -2.40 19.47 16.55
C ARG A 257 -2.29 20.94 16.13
N VAL A 258 -1.06 21.45 16.07
CA VAL A 258 -0.85 22.83 15.63
C VAL A 258 -1.28 23.00 14.18
N SER A 259 -0.81 22.11 13.30
CA SER A 259 -1.09 22.25 11.89
C SER A 259 -2.58 22.17 11.57
N ILE A 260 -3.36 21.50 12.42
CA ILE A 260 -4.78 21.37 12.18
C ILE A 260 -5.53 22.58 12.71
N ASP A 261 -5.22 23.00 13.94
CA ASP A 261 -5.94 24.12 14.55
C ASP A 261 -5.67 25.42 13.82
N LYS A 262 -4.52 25.57 13.17
CA LYS A 262 -4.14 26.80 12.51
C LYS A 262 -4.26 26.73 11.00
N ASP A 263 -4.70 25.59 10.45
CA ASP A 263 -4.89 25.41 9.01
C ASP A 263 -3.63 25.78 8.23
N ILE A 264 -2.49 25.27 8.69
CA ILE A 264 -1.21 25.47 8.04
C ILE A 264 -0.77 24.15 7.42
N ARG A 265 -0.31 24.22 6.17
CA ARG A 265 0.03 23.03 5.41
C ARG A 265 1.32 23.26 4.63
N VAL A 266 2.22 22.29 4.66
CA VAL A 266 3.42 22.35 3.84
C VAL A 266 3.01 22.34 2.36
N GLY A 267 3.68 23.17 1.57
CA GLY A 267 3.39 23.29 0.15
C GLY A 267 2.55 24.47 -0.23
N LYS A 268 2.10 25.28 0.73
CA LYS A 268 1.32 26.47 0.47
C LYS A 268 2.12 27.72 0.78
N TRP A 269 1.83 28.80 0.07
CA TRP A 269 2.47 30.07 0.32
C TRP A 269 1.80 30.80 1.46
N TYR A 270 2.57 31.62 2.17
CA TYR A 270 2.06 32.37 3.31
C TYR A 270 2.81 33.68 3.42
N LYS A 271 2.13 34.68 3.98
CA LYS A 271 2.78 35.90 4.46
C LYS A 271 2.87 35.79 5.98
N VAL A 272 4.08 35.56 6.49
CA VAL A 272 4.29 35.49 7.93
C VAL A 272 4.17 36.90 8.49
N THR A 273 3.11 37.13 9.28
CA THR A 273 2.88 38.42 9.92
C THR A 273 2.71 38.20 11.42
N GLN A 274 2.76 39.30 12.17
CA GLN A 274 2.59 39.21 13.62
C GLN A 274 1.21 38.70 14.01
N GLN A 275 0.22 38.85 13.12
CA GLN A 275 -1.08 38.24 13.36
C GLN A 275 -0.99 36.73 13.20
N GLY A 276 -0.50 36.28 12.06
CA GLY A 276 -0.35 34.86 11.80
C GLY A 276 0.08 34.64 10.36
N PHE A 277 0.00 33.38 9.94
CA PHE A 277 0.29 33.03 8.56
C PHE A 277 -0.93 33.36 7.70
N ILE A 278 -0.74 34.20 6.70
CA ILE A 278 -1.81 34.61 5.79
C ILE A 278 -1.59 33.88 4.47
N GLU A 279 -2.42 32.88 4.20
CA GLU A 279 -2.29 32.13 2.96
C GLU A 279 -2.49 33.04 1.76
N ASP A 280 -1.56 32.98 0.82
CA ASP A 280 -1.59 33.82 -0.38
C ASP A 280 -2.01 32.94 -1.56
N THR A 281 -3.31 32.96 -1.85
CA THR A 281 -3.87 32.14 -2.93
C THR A 281 -3.43 32.59 -4.31
N ARG A 282 -2.85 33.79 -4.45
CA ARG A 282 -2.43 34.25 -5.77
C ARG A 282 -1.27 33.43 -6.32
N LYS A 283 -0.38 32.95 -5.45
CA LYS A 283 0.75 32.16 -5.90
C LYS A 283 0.28 30.78 -6.34
N ILE A 284 0.61 30.40 -7.56
CA ILE A 284 0.09 29.17 -8.16
C ILE A 284 1.09 28.02 -8.09
N ALA A 285 2.36 28.29 -8.37
CA ALA A 285 3.36 27.24 -8.49
C ALA A 285 4.13 27.04 -7.18
N PHE A 286 4.71 25.86 -7.05
CA PHE A 286 5.65 25.62 -5.96
C PHE A 286 6.90 26.47 -6.15
N ALA A 287 7.57 26.78 -5.04
CA ALA A 287 8.92 27.30 -5.13
C ALA A 287 9.86 26.18 -5.58
N ASP A 288 11.09 26.56 -5.91
CA ASP A 288 12.07 25.62 -6.44
C ASP A 288 13.17 25.38 -5.42
N PRO A 289 13.06 24.35 -4.58
CA PRO A 289 14.12 24.09 -3.60
C PRO A 289 15.35 23.52 -4.27
N VAL A 290 16.48 23.67 -3.58
CA VAL A 290 17.70 22.97 -3.99
C VAL A 290 17.51 21.49 -3.67
N VAL A 291 17.39 20.66 -4.69
CA VAL A 291 17.13 19.24 -4.53
C VAL A 291 18.39 18.46 -4.90
N MET A 292 18.75 17.49 -4.07
CA MET A 292 19.97 16.72 -4.24
C MET A 292 19.67 15.25 -4.00
N ALA A 293 20.32 14.38 -4.78
CA ALA A 293 20.18 12.95 -4.64
C ALA A 293 21.55 12.30 -4.73
N PHE A 294 21.74 11.22 -3.98
CA PHE A 294 23.03 10.57 -3.96
C PHE A 294 22.88 9.06 -3.79
N ASP A 295 23.85 8.33 -4.31
CA ASP A 295 23.96 6.89 -4.14
C ASP A 295 25.41 6.58 -3.80
N ILE A 296 25.62 5.74 -2.79
CA ILE A 296 26.97 5.37 -2.35
C ILE A 296 27.23 3.93 -2.76
N GLU A 297 28.48 3.67 -3.09
CA GLU A 297 28.91 2.30 -3.44
C GLU A 297 30.10 1.97 -2.53
N THR A 298 30.07 0.81 -1.88
CA THR A 298 31.07 0.44 -0.88
C THR A 298 31.80 -0.85 -1.21
N THR A 299 32.94 -1.06 -0.55
CA THR A 299 33.70 -2.31 -0.71
C THR A 299 32.87 -3.42 -0.10
N LYS A 300 32.76 -4.57 -0.77
CA LYS A 300 31.89 -5.66 -0.26
C LYS A 300 32.70 -6.95 -0.21
N PRO A 301 32.69 -7.66 0.94
CA PRO A 301 33.35 -8.94 1.01
C PRO A 301 32.74 -9.87 -0.05
N PRO A 302 33.56 -10.61 -0.83
CA PRO A 302 33.05 -11.45 -1.92
C PRO A 302 32.02 -12.49 -1.47
N LEU A 303 30.86 -12.55 -2.13
CA LEU A 303 29.76 -13.49 -1.79
C LEU A 303 29.15 -13.07 -0.46
N LYS A 304 29.53 -11.90 0.05
CA LYS A 304 29.02 -11.44 1.37
C LYS A 304 28.45 -10.04 1.25
N PHE A 305 27.81 -9.55 2.32
CA PHE A 305 27.23 -8.19 2.33
C PHE A 305 28.26 -7.19 2.87
N PRO A 306 28.13 -5.88 2.56
CA PRO A 306 29.04 -4.87 3.08
C PRO A 306 28.90 -4.61 4.59
N ASP A 307 29.98 -4.21 5.25
CA ASP A 307 29.94 -3.88 6.70
C ASP A 307 30.62 -2.53 6.93
N SER A 308 29.89 -1.56 7.47
CA SER A 308 30.43 -0.20 7.71
C SER A 308 31.62 -0.28 8.67
N ALA A 309 31.66 -1.32 9.50
CA ALA A 309 32.76 -1.47 10.48
C ALA A 309 34.09 -1.68 9.77
N VAL A 310 34.09 -2.37 8.64
CA VAL A 310 35.38 -2.72 7.98
C VAL A 310 35.40 -2.26 6.54
N ASP A 311 34.24 -1.92 5.97
CA ASP A 311 34.22 -1.61 4.51
C ASP A 311 34.31 -0.10 4.26
N GLN A 312 35.09 0.28 3.25
CA GLN A 312 35.22 1.69 2.91
C GLN A 312 34.22 2.08 1.83
N ILE A 313 34.04 3.38 1.66
CA ILE A 313 33.22 3.92 0.59
C ILE A 313 34.11 4.12 -0.63
N MET A 314 33.83 3.38 -1.69
CA MET A 314 34.55 3.55 -2.94
C MET A 314 34.36 4.96 -3.49
N MET A 315 33.10 5.33 -3.69
CA MET A 315 32.76 6.57 -4.39
C MET A 315 31.34 6.95 -4.04
N ILE A 316 31.12 8.26 -3.85
CA ILE A 316 29.79 8.82 -3.69
C ILE A 316 29.45 9.59 -4.95
N SER A 317 28.31 9.26 -5.55
CA SER A 317 27.86 9.89 -6.78
C SER A 317 26.54 10.61 -6.51
N TYR A 318 26.40 11.82 -7.02
CA TYR A 318 25.26 12.64 -6.64
C TYR A 318 24.95 13.67 -7.70
N MET A 319 23.72 14.21 -7.62
CA MET A 319 23.20 15.19 -8.57
C MET A 319 22.51 16.31 -7.78
N ILE A 320 23.01 17.53 -7.93
CA ILE A 320 22.37 18.71 -7.35
C ILE A 320 21.69 19.47 -8.50
N ASP A 321 20.36 19.46 -8.49
CA ASP A 321 19.57 20.33 -9.37
C ASP A 321 19.92 20.12 -10.84
N GLY A 322 20.07 18.87 -11.25
CA GLY A 322 20.40 18.56 -12.62
C GLY A 322 21.88 18.60 -12.95
N GLU A 323 22.75 18.81 -11.97
CA GLU A 323 24.19 18.85 -12.18
C GLU A 323 24.81 17.70 -11.42
N GLY A 324 25.35 16.72 -12.15
CA GLY A 324 25.86 15.51 -11.53
C GLY A 324 27.28 15.67 -11.03
N PHE A 325 27.55 15.03 -9.89
CA PHE A 325 28.87 15.07 -9.27
C PHE A 325 29.25 13.67 -8.80
N LEU A 326 30.55 13.42 -8.76
CA LEU A 326 31.07 12.12 -8.33
C LEU A 326 32.38 12.32 -7.58
N ILE A 327 32.45 11.79 -6.37
CA ILE A 327 33.67 11.79 -5.57
C ILE A 327 34.23 10.38 -5.58
N THR A 328 35.55 10.26 -5.77
CA THR A 328 36.21 8.97 -5.74
C THR A 328 37.18 8.91 -4.57
N ASN A 329 37.32 7.70 -4.01
CA ASN A 329 38.33 7.42 -3.01
C ASN A 329 39.56 6.89 -3.75
N ARG A 330 40.58 7.74 -3.89
CA ARG A 330 41.76 7.35 -4.65
C ARG A 330 42.58 6.27 -3.97
N GLU A 331 42.29 5.94 -2.72
CA GLU A 331 42.91 4.80 -2.07
C GLU A 331 42.16 3.50 -2.35
N ILE A 332 41.11 3.55 -3.16
CA ILE A 332 40.37 2.36 -3.58
C ILE A 332 40.15 2.42 -5.08
N ILE A 333 40.04 3.63 -5.62
CA ILE A 333 39.90 3.82 -7.06
C ILE A 333 41.29 3.94 -7.69
N SER A 334 41.55 3.11 -8.70
CA SER A 334 42.88 2.93 -9.24
C SER A 334 43.33 4.05 -10.16
N GLU A 335 42.53 5.08 -10.38
CA GLU A 335 42.89 6.09 -11.37
C GLU A 335 42.05 7.34 -11.17
N ASP A 336 42.65 8.49 -11.47
CA ASP A 336 41.91 9.75 -11.54
C ASP A 336 40.97 9.72 -12.75
N ILE A 337 39.67 9.79 -12.48
CA ILE A 337 38.66 9.66 -13.53
C ILE A 337 38.38 11.03 -14.14
N GLU A 338 38.44 11.11 -15.46
CA GLU A 338 38.17 12.36 -16.16
C GLU A 338 36.67 12.55 -16.32
N ASP A 339 36.28 13.81 -16.55
CA ASP A 339 34.86 14.17 -16.59
C ASP A 339 34.17 13.55 -17.80
N PHE A 340 32.94 13.10 -17.59
CA PHE A 340 32.19 12.41 -18.63
C PHE A 340 30.71 12.76 -18.48
N GLU A 341 29.86 12.12 -19.29
CA GLU A 341 28.43 12.39 -19.30
C GLU A 341 27.66 11.08 -19.42
N TYR A 342 26.56 10.99 -18.68
CA TYR A 342 25.60 9.89 -18.83
C TYR A 342 24.22 10.49 -19.03
N THR A 343 23.71 10.44 -20.25
CA THR A 343 22.37 10.92 -20.58
C THR A 343 21.57 9.78 -21.18
N PRO A 344 20.71 9.12 -20.40
CA PRO A 344 19.98 7.95 -20.92
C PRO A 344 18.95 8.33 -21.97
N LYS A 345 18.08 9.28 -21.63
CA LYS A 345 17.17 9.88 -22.59
C LYS A 345 17.41 11.39 -22.62
N PRO A 346 17.20 12.05 -23.76
CA PRO A 346 17.53 13.48 -23.86
C PRO A 346 16.88 14.34 -22.80
N GLU A 347 15.75 13.91 -22.23
CA GLU A 347 15.13 14.66 -21.14
C GLU A 347 15.81 14.43 -19.80
N TYR A 348 16.86 13.62 -19.74
CA TYR A 348 17.60 13.32 -18.51
C TYR A 348 19.07 13.63 -18.72
N PRO A 349 19.46 14.91 -18.69
CA PRO A 349 20.83 15.28 -19.07
C PRO A 349 21.79 15.10 -17.90
N GLY A 350 22.84 14.32 -18.12
CA GLY A 350 23.83 14.11 -17.07
C GLY A 350 25.24 14.52 -17.42
N PHE A 351 25.59 15.78 -17.17
CA PHE A 351 26.99 16.19 -17.09
C PHE A 351 27.50 15.80 -15.71
N PHE A 352 28.70 15.26 -15.63
CA PHE A 352 29.24 14.84 -14.34
C PHE A 352 30.66 15.33 -14.15
N THR A 353 30.92 15.94 -12.99
CA THR A 353 32.23 16.40 -12.59
C THR A 353 32.76 15.49 -11.48
N ILE A 354 34.03 15.13 -11.58
CA ILE A 354 34.64 14.17 -10.66
C ILE A 354 35.51 14.91 -9.66
N PHE A 355 35.43 14.50 -8.40
CA PHE A 355 36.35 14.93 -7.35
C PHE A 355 37.16 13.71 -6.92
N ASN A 356 38.35 13.57 -7.50
CA ASN A 356 39.23 12.44 -7.16
C ASN A 356 39.99 12.77 -5.88
N GLU A 357 39.33 12.53 -4.75
CA GLU A 357 39.95 12.70 -3.45
C GLU A 357 40.79 11.47 -3.13
N ASN A 358 41.81 11.66 -2.28
CA ASN A 358 42.78 10.59 -2.05
C ASN A 358 42.29 9.56 -1.04
N ASP A 359 41.73 10.00 0.09
CA ASP A 359 41.31 9.12 1.16
C ASP A 359 39.79 9.15 1.25
N GLU A 360 39.25 8.28 2.11
CA GLU A 360 37.83 8.33 2.44
C GLU A 360 37.49 9.60 3.22
N VAL A 361 38.38 10.03 4.12
CA VAL A 361 38.15 11.30 4.85
C VAL A 361 37.91 12.42 3.86
N ALA A 362 38.81 12.57 2.89
CA ALA A 362 38.70 13.59 1.87
C ALA A 362 37.44 13.41 1.04
N LEU A 363 36.90 12.19 0.97
CA LEU A 363 35.64 11.95 0.29
C LEU A 363 34.45 12.37 1.16
N LEU A 364 34.42 11.89 2.41
CA LEU A 364 33.34 12.26 3.32
C LEU A 364 33.31 13.75 3.60
N GLN A 365 34.49 14.39 3.60
CA GLN A 365 34.56 15.82 3.85
C GLN A 365 34.14 16.64 2.64
N ARG A 366 34.59 16.25 1.45
CA ARG A 366 34.12 16.90 0.24
C ARG A 366 32.60 16.77 0.12
N PHE A 367 32.08 15.58 0.44
CA PHE A 367 30.63 15.40 0.49
C PHE A 367 29.99 16.38 1.45
N PHE A 368 30.52 16.48 2.68
CA PHE A 368 29.93 17.35 3.67
C PHE A 368 30.07 18.81 3.30
N GLU A 369 31.26 19.21 2.81
CA GLU A 369 31.47 20.59 2.40
C GLU A 369 30.52 20.99 1.28
N HIS A 370 30.20 20.05 0.38
CA HIS A 370 29.33 20.36 -0.75
C HIS A 370 27.89 20.57 -0.30
N ILE A 371 27.42 19.78 0.68
CA ILE A 371 26.07 19.96 1.19
C ILE A 371 25.93 21.31 1.88
N ARG A 372 26.98 21.75 2.58
CA ARG A 372 26.94 23.07 3.21
C ARG A 372 26.91 24.18 2.17
N ASP A 373 27.55 23.97 1.02
CA ASP A 373 27.60 25.00 -0.01
C ASP A 373 26.23 25.21 -0.65
N VAL A 374 25.67 24.16 -1.26
CA VAL A 374 24.43 24.31 -2.03
C VAL A 374 23.20 24.42 -1.15
N ARG A 375 23.31 24.14 0.15
CA ARG A 375 22.20 24.24 1.10
C ARG A 375 20.94 23.56 0.59
N PRO A 376 20.96 22.23 0.42
CA PRO A 376 19.81 21.56 -0.21
C PRO A 376 18.69 21.32 0.79
N THR A 377 17.47 21.65 0.39
CA THR A 377 16.27 21.44 1.20
C THR A 377 15.65 20.06 0.99
N VAL A 378 16.11 19.31 -0.01
CA VAL A 378 15.65 17.94 -0.25
C VAL A 378 16.86 17.08 -0.61
N ILE A 379 17.16 16.10 0.23
CA ILE A 379 18.11 15.04 -0.11
C ILE A 379 17.29 13.80 -0.44
N SER A 380 17.45 13.29 -1.65
CA SER A 380 16.73 12.09 -2.08
C SER A 380 17.70 10.92 -2.16
N THR A 381 17.23 9.75 -1.78
CA THR A 381 17.99 8.52 -1.89
C THR A 381 17.09 7.42 -2.44
N PHE A 382 17.66 6.24 -2.59
CA PHE A 382 16.90 5.03 -2.92
C PHE A 382 17.33 3.97 -1.91
N ASN A 383 16.49 3.72 -0.91
CA ASN A 383 16.80 2.84 0.22
C ASN A 383 17.93 3.42 1.08
N GLY A 384 18.00 4.74 1.17
CA GLY A 384 19.07 5.40 1.92
C GLY A 384 18.93 5.29 3.43
N ASP A 385 17.72 4.97 3.92
CA ASP A 385 17.54 4.83 5.36
C ASP A 385 18.21 3.57 5.88
N PHE A 386 18.27 2.51 5.07
CA PHE A 386 18.81 1.23 5.48
C PHE A 386 20.28 1.04 5.14
N PHE A 387 20.78 1.67 4.07
CA PHE A 387 22.14 1.44 3.63
C PHE A 387 22.97 2.73 3.62
N ASP A 388 22.68 3.68 2.72
CA ASP A 388 23.59 4.80 2.50
C ASP A 388 23.81 5.61 3.78
N TRP A 389 22.73 6.12 4.37
CA TRP A 389 22.88 7.03 5.50
C TRP A 389 23.58 6.40 6.71
N PRO A 390 23.18 5.22 7.20
CA PRO A 390 23.92 4.65 8.33
C PRO A 390 25.33 4.18 7.98
N PHE A 391 25.62 3.95 6.69
CA PHE A 391 26.98 3.61 6.30
C PHE A 391 27.89 4.82 6.38
N ILE A 392 27.46 5.94 5.78
CA ILE A 392 28.24 7.18 5.84
C ILE A 392 28.42 7.61 7.29
N HIS A 393 27.38 7.49 8.10
CA HIS A 393 27.46 7.87 9.51
C HIS A 393 28.54 7.06 10.23
N ASN A 394 28.55 5.74 10.02
CA ASN A 394 29.52 4.90 10.72
C ASN A 394 30.93 5.14 10.20
N ARG A 395 31.09 5.32 8.88
CA ARG A 395 32.41 5.62 8.34
C ARG A 395 32.95 6.93 8.90
N SER A 396 32.09 7.93 9.04
CA SER A 396 32.54 9.22 9.56
C SER A 396 32.86 9.14 11.05
N LYS A 397 32.18 8.27 11.79
CA LYS A 397 32.49 8.11 13.20
C LYS A 397 33.83 7.42 13.40
N ILE A 398 34.15 6.43 12.55
CA ILE A 398 35.47 5.80 12.58
C ILE A 398 36.54 6.84 12.36
N HIS A 399 36.22 7.90 11.61
CA HIS A 399 37.19 8.87 11.12
C HIS A 399 37.15 10.18 11.89
N GLY A 400 36.54 10.19 13.08
CA GLY A 400 36.52 11.37 13.92
C GLY A 400 35.55 12.45 13.51
N LEU A 401 34.88 12.31 12.38
CA LEU A 401 33.88 13.28 11.96
C LEU A 401 32.56 13.02 12.67
N ASP A 402 31.89 14.10 13.08
CA ASP A 402 30.54 14.02 13.64
C ASP A 402 29.57 14.53 12.58
N MET A 403 28.83 13.61 11.96
CA MET A 403 27.96 13.96 10.85
C MET A 403 26.96 15.04 11.23
N PHE A 404 26.47 15.01 12.47
CA PHE A 404 25.50 16.02 12.92
C PHE A 404 26.11 17.41 12.84
N ASP A 405 27.24 17.62 13.52
CA ASP A 405 27.91 18.91 13.48
C ASP A 405 28.29 19.31 12.06
N GLU A 406 28.39 18.36 11.14
CA GLU A 406 28.78 18.65 9.76
C GLU A 406 27.60 19.14 8.94
N ILE A 407 26.53 18.35 8.89
CA ILE A 407 25.43 18.63 7.97
C ILE A 407 24.08 18.55 8.68
N GLY A 408 24.09 18.46 10.01
CA GLY A 408 22.86 18.48 10.76
C GLY A 408 21.97 17.26 10.58
N PHE A 409 22.52 16.15 10.11
CA PHE A 409 21.76 14.92 9.95
C PHE A 409 22.10 13.93 11.05
N ALA A 410 21.12 13.11 11.41
CA ALA A 410 21.25 12.16 12.50
C ALA A 410 20.08 11.17 12.41
N PRO A 411 20.20 10.01 13.06
CA PRO A 411 19.08 9.06 13.08
C PRO A 411 18.08 9.37 14.18
N ASP A 412 16.82 9.02 13.91
CA ASP A 412 15.72 9.24 14.83
C ASP A 412 15.32 7.93 15.51
N ALA A 413 14.17 7.95 16.18
CA ALA A 413 13.73 6.78 16.95
C ALA A 413 13.58 5.55 16.08
N GLU A 414 12.96 5.70 14.92
CA GLU A 414 12.81 4.57 14.00
C GLU A 414 14.10 4.21 13.28
N GLY A 415 15.20 4.91 13.55
CA GLY A 415 16.46 4.61 12.92
C GLY A 415 16.68 5.23 11.55
N GLU A 416 15.70 5.97 11.04
CA GLU A 416 15.87 6.67 9.78
C GLU A 416 16.64 7.97 9.99
N TYR A 417 17.13 8.55 8.90
CA TYR A 417 18.01 9.70 8.97
C TYR A 417 17.27 10.93 8.50
N LYS A 418 17.18 11.94 9.37
CA LYS A 418 16.45 13.16 9.12
C LYS A 418 17.28 14.36 9.54
N SER A 419 16.87 15.52 9.05
CA SER A 419 17.42 16.81 9.47
C SER A 419 16.28 17.77 9.71
N SER A 420 16.58 18.87 10.39
CA SER A 420 15.58 19.89 10.63
C SER A 420 15.33 20.72 9.37
N TYR A 421 16.39 21.21 8.74
CA TYR A 421 16.29 22.14 7.63
C TYR A 421 16.01 21.46 6.29
N CYS A 422 15.99 20.13 6.24
CA CYS A 422 15.96 19.45 4.95
C CYS A 422 15.28 18.10 5.08
N SER A 423 14.26 17.87 4.25
CA SER A 423 13.59 16.58 4.19
C SER A 423 14.45 15.58 3.43
N HIS A 424 14.48 14.34 3.91
CA HIS A 424 15.18 13.24 3.24
C HIS A 424 14.15 12.33 2.61
N MET A 425 14.15 12.28 1.28
CA MET A 425 13.11 11.58 0.51
C MET A 425 13.69 10.28 -0.04
N ASP A 426 13.52 9.20 0.73
CA ASP A 426 13.86 7.86 0.24
C ASP A 426 12.80 7.44 -0.77
N CYS A 427 13.19 7.40 -2.05
CA CYS A 427 12.25 7.02 -3.10
C CYS A 427 11.76 5.59 -2.95
N PHE A 428 12.51 4.73 -2.27
CA PHE A 428 12.06 3.36 -2.03
C PHE A 428 10.74 3.34 -1.28
N ARG A 429 10.55 4.28 -0.36
CA ARG A 429 9.30 4.34 0.39
C ARG A 429 8.11 4.65 -0.53
N TRP A 430 8.34 5.48 -1.54
CA TRP A 430 7.28 5.76 -2.50
C TRP A 430 6.95 4.52 -3.33
N VAL A 431 7.99 3.83 -3.80
CA VAL A 431 7.78 2.62 -4.60
C VAL A 431 6.94 1.61 -3.82
N LYS A 432 7.29 1.38 -2.56
CA LYS A 432 6.60 0.36 -1.77
C LYS A 432 5.14 0.72 -1.53
N ARG A 433 4.81 2.00 -1.42
CA ARG A 433 3.50 2.42 -0.97
C ARG A 433 2.58 2.86 -2.10
N ASP A 434 3.05 3.74 -2.99
CA ASP A 434 2.17 4.45 -3.91
C ASP A 434 2.43 4.14 -5.37
N SER A 435 3.36 3.24 -5.69
CA SER A 435 3.71 2.99 -7.08
C SER A 435 2.76 2.02 -7.77
N TYR A 436 2.00 1.24 -7.01
CA TYR A 436 1.13 0.18 -7.61
C TYR A 436 1.99 -0.71 -8.52
N LEU A 437 3.16 -1.11 -8.03
CA LEU A 437 4.07 -1.98 -8.74
C LEU A 437 4.24 -3.29 -7.97
N PRO A 438 4.38 -4.42 -8.66
CA PRO A 438 4.58 -5.70 -7.95
C PRO A 438 5.93 -5.71 -7.25
N GLN A 439 5.96 -6.36 -6.07
CA GLN A 439 7.20 -6.40 -5.29
C GLN A 439 8.37 -6.98 -6.07
N GLY A 440 8.11 -7.76 -7.11
CA GLY A 440 9.16 -8.24 -7.98
C GLY A 440 9.72 -7.20 -8.92
N SER A 441 9.19 -5.98 -8.91
CA SER A 441 9.66 -4.92 -9.80
C SER A 441 9.91 -3.63 -9.02
N GLN A 442 10.28 -3.75 -7.75
CA GLN A 442 10.50 -2.58 -6.90
C GLN A 442 11.97 -2.28 -6.66
N GLY A 443 12.88 -3.04 -7.27
CA GLY A 443 14.26 -2.62 -7.34
C GLY A 443 14.43 -1.45 -8.28
N LEU A 444 15.56 -0.75 -8.14
CA LEU A 444 15.75 0.48 -8.90
C LEU A 444 15.77 0.24 -10.41
N LYS A 445 16.36 -0.88 -10.83
CA LYS A 445 16.40 -1.20 -12.26
C LYS A 445 15.00 -1.21 -12.85
N ALA A 446 14.10 -2.01 -12.28
CA ALA A 446 12.75 -2.13 -12.82
C ALA A 446 12.01 -0.79 -12.78
N VAL A 447 12.09 -0.08 -11.65
CA VAL A 447 11.38 1.19 -11.52
C VAL A 447 11.82 2.15 -12.60
N THR A 448 13.12 2.19 -12.87
CA THR A 448 13.64 3.05 -13.94
C THR A 448 12.98 2.72 -15.27
N GLN A 449 12.89 1.42 -15.61
CA GLN A 449 12.33 1.03 -16.88
C GLN A 449 10.85 1.39 -16.99
N SER A 450 10.09 1.12 -15.92
CA SER A 450 8.64 1.32 -16.00
C SER A 450 8.23 2.77 -15.86
N LYS A 451 8.96 3.56 -15.06
CA LYS A 451 8.56 4.93 -14.79
C LYS A 451 9.43 5.98 -15.48
N LEU A 452 10.67 5.64 -15.87
CA LEU A 452 11.54 6.62 -16.51
C LEU A 452 11.83 6.32 -17.98
N GLY A 453 11.72 5.07 -18.40
CA GLY A 453 11.73 4.75 -19.82
C GLY A 453 13.05 4.32 -20.42
N TYR A 454 13.98 3.81 -19.62
CA TYR A 454 15.25 3.34 -20.15
C TYR A 454 15.79 2.25 -19.23
N ASN A 455 16.77 1.50 -19.73
CA ASN A 455 17.43 0.51 -18.90
C ASN A 455 18.77 1.05 -18.43
N PRO A 456 18.96 1.23 -17.14
CA PRO A 456 20.18 1.87 -16.64
C PRO A 456 21.37 0.92 -16.68
N ILE A 457 22.55 1.47 -16.39
CA ILE A 457 23.75 0.66 -16.34
C ILE A 457 23.61 -0.36 -15.22
N GLU A 458 24.10 -1.58 -15.47
CA GLU A 458 24.03 -2.67 -14.51
C GLU A 458 25.43 -3.25 -14.31
N LEU A 459 25.68 -3.68 -13.09
CA LEU A 459 26.96 -4.32 -12.75
C LEU A 459 26.72 -5.36 -11.67
N ASP A 460 27.32 -6.54 -11.85
CA ASP A 460 27.23 -7.61 -10.88
C ASP A 460 27.79 -7.14 -9.54
N PRO A 461 27.03 -7.22 -8.44
CA PRO A 461 27.58 -6.80 -7.14
C PRO A 461 28.81 -7.58 -6.74
N GLU A 462 28.93 -8.83 -7.17
CA GLU A 462 30.14 -9.60 -6.97
C GLU A 462 31.34 -9.01 -7.71
N LEU A 463 31.11 -8.04 -8.60
CA LEU A 463 32.15 -7.54 -9.47
C LEU A 463 32.43 -6.05 -9.27
N MET A 464 31.77 -5.40 -8.33
CA MET A 464 32.03 -3.98 -8.10
C MET A 464 33.35 -3.79 -7.36
N THR A 465 33.56 -4.53 -6.27
CA THR A 465 34.79 -4.38 -5.49
C THR A 465 36.04 -4.62 -6.31
N PRO A 466 36.16 -5.69 -7.12
CA PRO A 466 37.39 -5.85 -7.91
C PRO A 466 37.48 -4.89 -9.08
N TYR A 467 36.36 -4.43 -9.63
CA TYR A 467 36.42 -3.48 -10.74
C TYR A 467 36.90 -2.10 -10.31
N ALA A 468 37.08 -1.86 -9.01
CA ALA A 468 37.70 -0.61 -8.57
C ALA A 468 39.13 -0.49 -9.07
N PHE A 469 39.83 -1.62 -9.19
CA PHE A 469 41.21 -1.67 -9.66
C PHE A 469 41.31 -1.96 -11.16
N GLU A 470 40.58 -2.97 -11.65
CA GLU A 470 40.76 -3.40 -13.03
C GLU A 470 40.21 -2.37 -14.02
N LYS A 471 38.90 -2.12 -13.99
CA LYS A 471 38.29 -1.08 -14.83
C LYS A 471 37.57 -0.08 -13.95
N PRO A 472 38.28 0.97 -13.49
CA PRO A 472 37.62 1.98 -12.66
C PRO A 472 36.48 2.71 -13.35
N GLN A 473 36.67 3.09 -14.62
CA GLN A 473 35.64 3.85 -15.34
C GLN A 473 34.32 3.10 -15.41
N HIS A 474 34.39 1.77 -15.55
CA HIS A 474 33.17 0.97 -15.58
C HIS A 474 32.41 1.07 -14.26
N LEU A 475 33.13 1.01 -13.14
CA LEU A 475 32.49 1.17 -11.83
C LEU A 475 31.86 2.54 -11.70
N SER A 476 32.50 3.57 -12.27
CA SER A 476 31.96 4.92 -12.16
C SER A 476 30.72 5.08 -13.04
N GLU A 477 30.74 4.49 -14.24
CA GLU A 477 29.55 4.51 -15.10
C GLU A 477 28.35 3.92 -14.38
N TYR A 478 28.57 2.91 -13.53
CA TYR A 478 27.44 2.34 -12.76
C TYR A 478 27.04 3.30 -11.65
N SER A 479 28.00 4.00 -11.06
CA SER A 479 27.67 4.89 -9.96
C SER A 479 26.80 6.04 -10.42
N VAL A 480 27.16 6.68 -11.53
CA VAL A 480 26.34 7.77 -12.05
C VAL A 480 24.96 7.26 -12.42
N SER A 481 24.90 6.09 -13.06
CA SER A 481 23.62 5.50 -13.45
C SER A 481 22.64 5.46 -12.28
N ASP A 482 23.10 4.98 -11.13
CA ASP A 482 22.24 4.96 -9.95
C ASP A 482 21.79 6.36 -9.57
N ALA A 483 22.68 7.35 -9.71
CA ALA A 483 22.35 8.71 -9.30
C ALA A 483 21.40 9.39 -10.27
N VAL A 484 21.66 9.25 -11.58
CA VAL A 484 20.76 9.86 -12.57
C VAL A 484 19.36 9.29 -12.44
N ALA A 485 19.25 7.97 -12.25
CA ALA A 485 17.93 7.37 -12.07
C ALA A 485 17.23 7.90 -10.84
N THR A 486 17.96 8.07 -9.75
CA THR A 486 17.33 8.47 -8.48
C THR A 486 16.89 9.93 -8.50
N TYR A 487 17.71 10.81 -9.07
CA TYR A 487 17.33 12.22 -9.12
C TYR A 487 16.06 12.43 -9.93
N TYR A 488 16.02 11.88 -11.14
CA TYR A 488 14.88 12.11 -12.03
C TYR A 488 13.65 11.31 -11.61
N LEU A 489 13.85 10.12 -11.03
CA LEU A 489 12.73 9.41 -10.41
C LEU A 489 12.06 10.27 -9.35
N TYR A 490 12.87 10.94 -8.52
CA TYR A 490 12.31 11.78 -7.48
C TYR A 490 11.57 12.97 -8.08
N MET A 491 12.17 13.64 -9.06
CA MET A 491 11.60 14.89 -9.55
C MET A 491 10.36 14.65 -10.41
N LYS A 492 10.29 13.53 -11.12
CA LYS A 492 9.17 13.27 -12.00
C LYS A 492 8.02 12.55 -11.30
N TYR A 493 8.21 12.06 -10.08
CA TYR A 493 7.20 11.22 -9.45
C TYR A 493 6.99 11.53 -7.97
N VAL A 494 8.05 11.41 -7.16
CA VAL A 494 7.88 11.52 -5.72
C VAL A 494 7.70 12.97 -5.29
N HIS A 495 8.50 13.87 -5.85
CA HIS A 495 8.40 15.29 -5.47
C HIS A 495 7.01 15.87 -5.73
N PRO A 496 6.41 15.74 -6.92
CA PRO A 496 5.09 16.35 -7.12
C PRO A 496 4.00 15.74 -6.26
N PHE A 497 4.04 14.44 -6.02
CA PHE A 497 2.96 13.78 -5.29
C PHE A 497 3.03 14.08 -3.80
N ILE A 498 4.23 13.98 -3.21
CA ILE A 498 4.36 14.11 -1.77
C ILE A 498 4.04 15.53 -1.32
N PHE A 499 4.62 16.53 -2.01
CA PHE A 499 4.40 17.92 -1.60
C PHE A 499 2.96 18.35 -1.86
N SER A 500 2.32 17.83 -2.91
CA SER A 500 0.91 18.13 -3.12
C SER A 500 0.04 17.47 -2.07
N LEU A 501 0.42 16.26 -1.62
CA LEU A 501 -0.31 15.60 -0.54
C LEU A 501 -0.16 16.33 0.78
N CYS A 502 0.97 17.02 0.98
CA CYS A 502 1.17 17.80 2.18
C CYS A 502 0.22 18.98 2.29
N THR A 503 -0.29 19.46 1.15
CA THR A 503 -1.23 20.58 1.17
C THR A 503 -2.58 20.18 1.75
N ILE A 504 -2.91 18.89 1.75
CA ILE A 504 -4.17 18.40 2.30
C ILE A 504 -3.99 17.56 3.55
N ILE A 505 -2.76 17.16 3.88
CA ILE A 505 -2.48 16.30 5.02
C ILE A 505 -1.57 17.06 5.97
N PRO A 506 -1.95 17.24 7.24
CA PRO A 506 -1.12 18.03 8.17
C PRO A 506 0.14 17.31 8.63
N LEU A 507 1.03 17.01 7.69
CA LEU A 507 2.30 16.36 8.00
C LEU A 507 3.40 16.99 7.16
N ASN A 508 4.63 16.92 7.66
CA ASN A 508 5.76 17.38 6.88
C ASN A 508 6.08 16.35 5.79
N PRO A 509 6.86 16.75 4.77
CA PRO A 509 7.18 15.79 3.70
C PRO A 509 7.76 14.47 4.18
N ASP A 510 8.60 14.48 5.22
CA ASP A 510 9.20 13.23 5.70
C ASP A 510 8.13 12.25 6.18
N GLU A 511 7.08 12.76 6.84
CA GLU A 511 6.05 11.87 7.36
C GLU A 511 5.02 11.52 6.29
N THR A 512 4.71 12.46 5.39
CA THR A 512 3.77 12.16 4.32
C THR A 512 4.31 11.07 3.40
N LEU A 513 5.63 10.96 3.26
CA LEU A 513 6.22 9.95 2.40
C LEU A 513 6.25 8.58 3.06
N ARG A 514 6.39 8.52 4.38
CA ARG A 514 6.66 7.27 5.08
C ARG A 514 5.45 6.67 5.79
N LYS A 515 4.51 7.49 6.24
CA LYS A 515 3.43 6.98 7.08
C LYS A 515 2.47 6.11 6.26
N GLY A 516 1.93 5.08 6.91
CA GLY A 516 1.04 4.17 6.23
C GLY A 516 -0.23 4.86 5.75
N THR A 517 -0.78 4.34 4.65
CA THR A 517 -1.95 4.97 4.04
C THR A 517 -3.15 4.96 4.97
N GLY A 518 -3.23 3.99 5.89
CA GLY A 518 -4.26 4.04 6.90
C GLY A 518 -4.12 5.26 7.80
N THR A 519 -2.89 5.59 8.18
CA THR A 519 -2.65 6.77 9.00
C THR A 519 -2.93 8.05 8.22
N LEU A 520 -2.62 8.06 6.92
CA LEU A 520 -2.98 9.21 6.09
C LEU A 520 -4.48 9.43 6.09
N CYS A 521 -5.26 8.34 6.12
CA CYS A 521 -6.72 8.47 6.14
C CYS A 521 -7.20 9.05 7.45
N GLU A 522 -6.65 8.58 8.58
CA GLU A 522 -7.03 9.14 9.87
C GLU A 522 -6.69 10.62 9.95
N MET A 523 -5.59 11.03 9.32
CA MET A 523 -5.24 12.44 9.24
C MET A 523 -6.34 13.23 8.55
N LEU A 524 -6.77 12.76 7.37
CA LEU A 524 -7.81 13.45 6.62
C LEU A 524 -9.12 13.49 7.39
N LEU A 525 -9.44 12.42 8.12
CA LEU A 525 -10.69 12.36 8.85
C LEU A 525 -10.67 13.21 10.11
N MET A 526 -9.51 13.30 10.78
CA MET A 526 -9.42 14.16 11.95
C MET A 526 -9.57 15.63 11.59
N VAL A 527 -9.09 16.03 10.41
CA VAL A 527 -9.25 17.40 9.96
C VAL A 527 -10.73 17.73 9.78
N GLN A 528 -11.49 16.80 9.20
CA GLN A 528 -12.93 17.02 9.03
C GLN A 528 -13.63 17.08 10.39
N ALA A 529 -13.29 16.17 11.29
CA ALA A 529 -13.96 16.12 12.59
C ALA A 529 -13.73 17.42 13.37
N TYR A 530 -12.48 17.87 13.42
CA TYR A 530 -12.18 19.12 14.12
C TYR A 530 -12.88 20.31 13.47
N GLN A 531 -12.94 20.32 12.14
CA GLN A 531 -13.50 21.47 11.44
C GLN A 531 -15.01 21.54 11.50
N HIS A 532 -15.67 20.44 11.86
CA HIS A 532 -17.09 20.44 12.17
C HIS A 532 -17.35 20.39 13.67
N ASN A 533 -16.32 20.63 14.48
CA ASN A 533 -16.43 20.62 15.94
C ASN A 533 -16.96 19.29 16.45
N ILE A 534 -16.45 18.19 15.90
CA ILE A 534 -16.81 16.85 16.31
C ILE A 534 -15.72 16.32 17.23
N LEU A 535 -16.13 15.82 18.41
CA LEU A 535 -15.17 15.26 19.35
C LEU A 535 -14.54 14.01 18.77
N LEU A 536 -13.22 13.93 18.84
CA LEU A 536 -12.51 12.77 18.32
C LEU A 536 -12.83 11.54 19.15
N PRO A 537 -13.02 10.38 18.53
CA PRO A 537 -13.05 9.14 19.30
C PRO A 537 -11.64 8.75 19.71
N ASN A 538 -11.53 8.11 20.86
CA ASN A 538 -10.25 7.55 21.24
C ASN A 538 -9.90 6.39 20.33
N LYS A 539 -8.61 6.04 20.30
CA LYS A 539 -8.15 4.96 19.45
C LYS A 539 -8.77 3.63 19.89
N HIS A 540 -8.99 2.74 18.92
CA HIS A 540 -9.56 1.44 19.22
C HIS A 540 -8.61 0.62 20.07
N THR A 541 -9.17 -0.03 21.08
CA THR A 541 -8.45 -0.95 21.94
C THR A 541 -8.88 -2.36 21.57
N ASP A 542 -7.93 -3.18 21.15
CA ASP A 542 -8.26 -4.53 20.65
C ASP A 542 -8.84 -5.40 21.76
N PRO A 543 -9.95 -6.13 21.52
CA PRO A 543 -10.46 -7.08 22.50
C PRO A 543 -9.45 -8.22 22.65
N ILE A 544 -8.95 -8.45 23.86
CA ILE A 544 -7.87 -9.45 24.06
C ILE A 544 -8.44 -10.86 23.86
N GLU A 545 -9.67 -11.10 24.32
CA GLU A 545 -10.28 -12.44 24.18
C GLU A 545 -11.75 -12.28 23.78
N ARG A 546 -12.23 -13.15 22.91
CA ARG A 546 -13.67 -13.12 22.52
C ARG A 546 -14.14 -14.56 22.34
N PHE A 547 -15.36 -14.87 22.76
CA PHE A 547 -15.80 -16.29 22.72
C PHE A 547 -17.03 -16.46 21.82
N TYR A 548 -17.15 -17.61 21.17
CA TYR A 548 -18.33 -17.92 20.33
C TYR A 548 -18.84 -19.29 20.77
N ASP A 549 -20.10 -19.37 21.20
CA ASP A 549 -20.68 -20.67 21.60
C ASP A 549 -19.72 -21.33 22.59
N GLY A 550 -19.03 -20.53 23.40
CA GLY A 550 -18.11 -21.06 24.42
C GLY A 550 -16.72 -21.32 23.88
N HIS A 551 -16.52 -21.11 22.58
CA HIS A 551 -15.21 -21.43 21.97
C HIS A 551 -14.35 -20.17 21.88
N LEU A 552 -13.06 -20.29 22.18
CA LEU A 552 -12.14 -19.14 22.03
C LEU A 552 -11.93 -18.87 20.55
N LEU A 553 -12.27 -17.66 20.10
CA LEU A 553 -12.10 -17.31 18.67
C LEU A 553 -10.67 -16.86 18.47
N GLU A 554 -9.99 -17.43 17.47
CA GLU A 554 -8.62 -17.00 17.14
C GLU A 554 -8.71 -15.92 16.07
N SER A 555 -9.86 -15.81 15.40
CA SER A 555 -10.00 -14.83 14.29
C SER A 555 -11.46 -14.42 14.09
N GLU A 556 -11.71 -13.12 14.01
CA GLU A 556 -13.06 -12.63 13.67
C GLU A 556 -12.87 -11.84 12.38
N THR A 557 -13.69 -12.07 11.38
CA THR A 557 -13.49 -11.38 10.09
C THR A 557 -14.83 -11.32 9.35
N TYR A 558 -14.80 -10.83 8.12
CA TYR A 558 -16.03 -10.75 7.31
C TYR A 558 -15.79 -11.43 5.96
N VAL A 559 -16.84 -12.02 5.40
CA VAL A 559 -16.70 -12.57 4.06
C VAL A 559 -16.51 -11.41 3.08
N GLY A 560 -15.39 -11.41 2.36
CA GLY A 560 -15.05 -10.30 1.51
C GLY A 560 -15.43 -10.47 0.05
N GLY A 561 -14.44 -10.34 -0.82
CA GLY A 561 -14.71 -10.40 -2.25
C GLY A 561 -15.16 -11.79 -2.68
N HIS A 562 -15.94 -11.82 -3.76
CA HIS A 562 -16.42 -13.05 -4.36
C HIS A 562 -15.63 -13.28 -5.64
N VAL A 563 -14.95 -14.42 -5.73
CA VAL A 563 -14.13 -14.78 -6.88
C VAL A 563 -14.64 -16.09 -7.45
N GLU A 564 -14.63 -16.20 -8.78
CA GLU A 564 -15.11 -17.40 -9.46
C GLU A 564 -14.30 -17.64 -10.71
N SER A 565 -13.69 -18.82 -10.81
CA SER A 565 -13.20 -19.33 -12.09
C SER A 565 -14.34 -20.10 -12.75
N LEU A 566 -14.63 -19.75 -13.99
CA LEU A 566 -15.78 -20.32 -14.68
C LEU A 566 -15.41 -21.11 -15.93
N GLU A 567 -14.42 -20.65 -16.69
CA GLU A 567 -13.93 -21.39 -17.85
C GLU A 567 -12.42 -21.23 -17.95
N ALA A 568 -11.78 -22.23 -18.53
CA ALA A 568 -10.37 -22.17 -18.90
C ALA A 568 -10.23 -22.47 -20.38
N GLY A 569 -9.07 -22.14 -20.93
CA GLY A 569 -8.77 -22.39 -22.32
C GLY A 569 -8.40 -21.12 -23.05
N VAL A 570 -8.36 -21.22 -24.38
CA VAL A 570 -8.00 -20.11 -25.25
C VAL A 570 -9.28 -19.54 -25.85
N PHE A 571 -9.47 -18.24 -25.69
CA PHE A 571 -10.60 -17.52 -26.28
C PHE A 571 -10.04 -16.37 -27.10
N ARG A 572 -10.40 -16.34 -28.39
CA ARG A 572 -9.79 -15.43 -29.34
C ARG A 572 -10.85 -14.93 -30.31
N SER A 573 -10.71 -13.67 -30.74
CA SER A 573 -11.72 -13.04 -31.58
C SER A 573 -11.81 -13.66 -32.98
N ASP A 574 -10.80 -14.39 -33.41
CA ASP A 574 -10.79 -14.98 -34.75
C ASP A 574 -11.17 -16.44 -34.77
N LEU A 575 -11.58 -17.01 -33.64
CA LEU A 575 -12.11 -18.37 -33.57
C LEU A 575 -13.54 -18.33 -33.06
N LYS A 576 -14.42 -19.09 -33.72
CA LYS A 576 -15.81 -19.12 -33.34
C LYS A 576 -16.00 -19.84 -32.00
N ASN A 577 -17.08 -19.48 -31.32
CA ASN A 577 -17.43 -20.07 -30.03
C ASN A 577 -18.90 -20.49 -30.05
N GLU A 578 -19.25 -21.41 -29.16
CA GLU A 578 -20.60 -21.95 -29.09
C GLU A 578 -21.37 -21.25 -27.98
N PHE A 579 -22.51 -20.65 -28.34
CA PHE A 579 -23.35 -19.92 -27.40
C PHE A 579 -24.75 -20.54 -27.36
N LYS A 580 -25.31 -20.61 -26.16
CA LYS A 580 -26.70 -21.00 -25.94
C LYS A 580 -27.39 -19.86 -25.22
N ILE A 581 -28.21 -19.10 -25.96
CA ILE A 581 -28.79 -17.85 -25.47
C ILE A 581 -30.17 -18.14 -24.91
N ASP A 582 -30.30 -17.98 -23.59
CA ASP A 582 -31.57 -18.08 -22.91
C ASP A 582 -32.60 -17.17 -23.59
N PRO A 583 -33.79 -17.69 -23.95
CA PRO A 583 -34.79 -16.82 -24.59
C PRO A 583 -35.49 -15.90 -23.60
N SER A 584 -35.73 -16.37 -22.37
CA SER A 584 -36.34 -15.54 -21.35
C SER A 584 -35.49 -14.31 -21.02
N ALA A 585 -34.17 -14.43 -21.15
CA ALA A 585 -33.29 -13.29 -20.89
C ALA A 585 -33.56 -12.16 -21.86
N ILE A 586 -33.66 -12.49 -23.15
CA ILE A 586 -33.89 -11.45 -24.16
C ILE A 586 -35.28 -10.85 -24.01
N ASP A 587 -36.24 -11.64 -23.52
CA ASP A 587 -37.57 -11.09 -23.24
C ASP A 587 -37.48 -9.95 -22.22
N GLU A 588 -36.82 -10.21 -21.09
CA GLU A 588 -36.66 -9.16 -20.08
C GLU A 588 -35.92 -7.96 -20.65
N LEU A 589 -34.79 -8.22 -21.33
CA LEU A 589 -34.01 -7.14 -21.92
C LEU A 589 -34.85 -6.26 -22.83
N LEU A 590 -35.85 -6.84 -23.50
CA LEU A 590 -36.74 -6.06 -24.33
C LEU A 590 -37.73 -5.26 -23.50
N GLN A 591 -38.20 -5.83 -22.39
CA GLN A 591 -39.11 -5.10 -21.51
C GLN A 591 -38.42 -3.91 -20.87
N GLU A 592 -37.17 -4.09 -20.43
CA GLU A 592 -36.43 -3.00 -19.79
C GLU A 592 -35.68 -2.13 -20.77
N LEU A 593 -35.60 -2.50 -22.05
CA LEU A 593 -34.88 -1.69 -23.04
C LEU A 593 -35.33 -0.23 -23.07
N PRO A 594 -36.63 0.09 -23.17
CA PRO A 594 -36.99 1.52 -23.24
C PRO A 594 -36.56 2.32 -22.02
N GLU A 595 -36.82 1.81 -20.81
CA GLU A 595 -36.40 2.50 -19.61
C GLU A 595 -34.88 2.58 -19.53
N ALA A 596 -34.21 1.45 -19.78
CA ALA A 596 -32.75 1.41 -19.72
C ALA A 596 -32.11 2.32 -20.78
N LEU A 597 -32.81 2.54 -21.90
CA LEU A 597 -32.28 3.43 -22.92
C LEU A 597 -32.39 4.89 -22.49
N LYS A 598 -33.50 5.27 -21.88
CA LYS A 598 -33.60 6.58 -21.26
C LYS A 598 -32.58 6.74 -20.14
N PHE A 599 -32.29 5.66 -19.42
CA PHE A 599 -31.31 5.69 -18.35
C PHE A 599 -29.94 6.11 -18.86
N SER A 600 -29.57 5.66 -20.06
CA SER A 600 -28.24 5.94 -20.58
C SER A 600 -28.05 7.42 -20.87
N VAL A 601 -29.09 8.09 -21.38
CA VAL A 601 -28.93 9.48 -21.78
C VAL A 601 -29.06 10.41 -20.56
N GLU A 602 -29.91 10.06 -19.61
CA GLU A 602 -30.27 10.99 -18.53
C GLU A 602 -29.46 10.81 -17.26
N VAL A 603 -29.02 9.59 -16.95
CA VAL A 603 -28.22 9.33 -15.76
C VAL A 603 -26.76 9.09 -16.12
N GLU A 604 -26.50 8.21 -17.09
CA GLU A 604 -25.12 7.92 -17.47
C GLU A 604 -24.47 9.10 -18.16
N ASN A 605 -25.22 9.82 -19.01
CA ASN A 605 -24.67 10.91 -19.79
C ASN A 605 -25.13 12.28 -19.35
N LYS A 606 -26.07 12.37 -18.41
CA LYS A 606 -26.57 13.64 -17.88
C LYS A 606 -27.09 14.54 -19.01
N SER A 607 -28.09 14.04 -19.72
CA SER A 607 -28.71 14.78 -20.81
C SER A 607 -30.22 14.51 -20.77
N SER A 608 -30.92 14.95 -21.80
CA SER A 608 -32.37 14.84 -21.88
C SER A 608 -32.76 14.07 -23.13
N VAL A 609 -33.70 13.13 -22.97
CA VAL A 609 -34.17 12.34 -24.10
C VAL A 609 -34.81 13.22 -25.17
N ASP A 610 -35.35 14.39 -24.76
CA ASP A 610 -35.97 15.29 -25.72
C ASP A 610 -34.93 15.93 -26.64
N LYS A 611 -33.70 16.14 -26.16
CA LYS A 611 -32.65 16.72 -26.99
C LYS A 611 -31.93 15.69 -27.85
N VAL A 612 -32.36 14.44 -27.82
CA VAL A 612 -31.77 13.38 -28.63
C VAL A 612 -32.53 13.27 -29.95
N THR A 613 -31.83 12.88 -31.01
CA THR A 613 -32.42 12.79 -32.34
C THR A 613 -32.51 11.37 -32.89
N ASN A 614 -31.81 10.41 -32.26
CA ASN A 614 -31.77 9.02 -32.80
C ASN A 614 -32.23 8.00 -31.76
N PHE A 615 -32.94 8.41 -30.73
CA PHE A 615 -33.33 7.47 -29.65
C PHE A 615 -34.07 6.26 -30.22
N GLU A 616 -35.15 6.50 -30.98
CA GLU A 616 -35.99 5.38 -31.52
C GLU A 616 -35.21 4.62 -32.59
N GLU A 617 -34.38 5.30 -33.36
CA GLU A 617 -33.51 4.58 -34.33
C GLU A 617 -32.68 3.54 -33.56
N ILE A 618 -31.88 4.00 -32.61
CA ILE A 618 -31.01 3.07 -31.82
C ILE A 618 -31.91 2.04 -31.14
N LYS A 619 -33.07 2.45 -30.64
CA LYS A 619 -33.95 1.52 -29.91
C LYS A 619 -34.34 0.36 -30.81
N ASN A 620 -34.75 0.68 -32.04
CA ASN A 620 -35.23 -0.37 -32.97
C ASN A 620 -34.04 -1.25 -33.36
N GLN A 621 -32.89 -0.64 -33.60
CA GLN A 621 -31.68 -1.40 -34.00
C GLN A 621 -31.33 -2.43 -32.91
N ILE A 622 -31.46 -2.04 -31.65
CA ILE A 622 -31.12 -2.96 -30.52
C ILE A 622 -32.20 -4.03 -30.43
N THR A 623 -33.46 -3.64 -30.65
CA THR A 623 -34.58 -4.61 -30.52
C THR A 623 -34.39 -5.75 -31.51
N GLN A 624 -33.89 -5.43 -32.70
CA GLN A 624 -33.71 -6.45 -33.75
C GLN A 624 -32.68 -7.48 -33.30
N LYS A 625 -31.48 -7.03 -32.94
CA LYS A 625 -30.39 -7.98 -32.60
C LYS A 625 -30.88 -8.89 -31.48
N LEU A 626 -31.69 -8.37 -30.58
CA LEU A 626 -32.13 -9.18 -29.42
C LEU A 626 -33.15 -10.18 -29.90
N LEU A 627 -34.04 -9.76 -30.79
CA LEU A 627 -35.12 -10.66 -31.28
C LEU A 627 -34.48 -11.82 -32.04
N GLU A 628 -33.59 -11.52 -32.97
CA GLU A 628 -32.86 -12.59 -33.70
C GLU A 628 -32.31 -13.58 -32.69
N LEU A 629 -31.55 -13.10 -31.70
CA LEU A 629 -30.91 -13.99 -30.71
C LEU A 629 -31.98 -14.66 -29.85
N LYS A 630 -33.23 -14.21 -29.99
CA LYS A 630 -34.34 -14.88 -29.25
C LYS A 630 -34.79 -16.10 -30.04
N GLU A 631 -35.01 -15.94 -31.35
CA GLU A 631 -35.40 -17.08 -32.22
C GLU A 631 -34.17 -17.96 -32.40
N ASN A 632 -33.08 -17.37 -32.88
CA ASN A 632 -31.82 -18.11 -33.07
C ASN A 632 -31.06 -18.19 -31.74
N ASN A 633 -31.51 -19.05 -30.83
CA ASN A 633 -30.85 -19.24 -29.52
C ASN A 633 -29.48 -19.87 -29.71
N ILE A 634 -29.45 -21.15 -30.13
CA ILE A 634 -28.16 -21.87 -30.30
C ILE A 634 -27.42 -21.26 -31.49
N ARG A 635 -26.15 -20.93 -31.29
CA ARG A 635 -25.36 -20.28 -32.37
C ARG A 635 -23.87 -20.54 -32.19
N ASN A 636 -23.12 -20.57 -33.30
CA ASN A 636 -21.65 -20.74 -33.23
C ASN A 636 -21.04 -19.59 -34.03
N GLU A 637 -20.62 -18.53 -33.34
CA GLU A 637 -20.10 -17.33 -33.99
C GLU A 637 -18.83 -16.87 -33.29
N LEU A 638 -18.20 -15.86 -33.89
CA LEU A 638 -16.99 -15.27 -33.32
C LEU A 638 -17.35 -14.49 -32.06
N PRO A 639 -16.40 -14.35 -31.12
CA PRO A 639 -16.76 -13.81 -29.80
C PRO A 639 -16.43 -12.33 -29.63
N LEU A 640 -16.89 -11.76 -28.51
CA LEU A 640 -16.59 -10.39 -28.11
C LEU A 640 -16.02 -10.45 -26.71
N ILE A 641 -14.70 -10.34 -26.59
CA ILE A 641 -14.03 -10.45 -25.30
C ILE A 641 -14.09 -9.10 -24.59
N TYR A 642 -14.70 -9.09 -23.41
CA TYR A 642 -15.02 -7.85 -22.71
C TYR A 642 -14.66 -7.99 -21.24
N HIS A 643 -14.22 -6.88 -20.64
CA HIS A 643 -14.12 -6.77 -19.19
C HIS A 643 -15.16 -5.78 -18.69
N VAL A 644 -15.84 -6.12 -17.61
CA VAL A 644 -16.88 -5.22 -17.05
C VAL A 644 -16.57 -5.03 -15.55
N ASP A 645 -16.31 -3.79 -15.12
CA ASP A 645 -15.88 -3.55 -13.71
C ASP A 645 -16.63 -2.36 -13.14
N VAL A 646 -16.97 -2.41 -11.86
CA VAL A 646 -17.58 -1.23 -11.17
C VAL A 646 -16.48 -0.23 -10.88
N ALA A 647 -16.66 1.03 -11.26
CA ALA A 647 -15.68 2.08 -11.06
C ALA A 647 -15.75 2.61 -9.64
N SER A 648 -14.61 2.62 -8.95
CA SER A 648 -14.54 2.98 -7.53
C SER A 648 -15.63 2.27 -6.75
N GLY A 649 -15.72 0.96 -6.97
CA GLY A 649 -16.82 0.15 -6.48
C GLY A 649 -17.07 0.21 -4.99
N TYR A 650 -16.10 -0.26 -4.23
CA TYR A 650 -16.24 -0.26 -2.76
C TYR A 650 -16.51 1.16 -2.27
N PRO A 651 -15.79 2.22 -2.70
CA PRO A 651 -16.15 3.59 -2.29
C PRO A 651 -17.60 3.92 -2.60
N ASN A 652 -18.00 3.77 -3.86
CA ASN A 652 -19.35 4.15 -4.27
C ASN A 652 -20.41 3.35 -3.52
N ILE A 653 -20.12 2.09 -3.19
CA ILE A 653 -21.06 1.29 -2.40
C ILE A 653 -21.26 1.93 -1.03
N MET A 654 -20.16 2.37 -0.40
CA MET A 654 -20.28 3.03 0.90
C MET A 654 -21.07 4.33 0.80
N THR A 655 -20.79 5.13 -0.23
CA THR A 655 -21.44 6.43 -0.36
C THR A 655 -22.92 6.26 -0.72
N THR A 656 -23.22 5.42 -1.71
CA THR A 656 -24.61 5.17 -2.09
C THR A 656 -25.45 4.79 -0.87
N ASN A 657 -24.92 3.89 -0.03
CA ASN A 657 -25.62 3.41 1.14
C ASN A 657 -25.36 4.26 2.38
N ARG A 658 -24.63 5.36 2.24
CA ARG A 658 -24.32 6.25 3.37
C ARG A 658 -23.67 5.47 4.51
N LEU A 659 -22.63 4.72 4.18
CA LEU A 659 -21.94 3.87 5.14
C LEU A 659 -20.80 4.64 5.79
N GLN A 660 -20.86 4.81 7.09
CA GLN A 660 -19.77 5.36 7.88
C GLN A 660 -19.85 4.75 9.26
N PRO A 661 -18.71 4.57 9.94
CA PRO A 661 -18.72 3.83 11.22
C PRO A 661 -19.69 4.39 12.25
N ASP A 662 -19.80 5.71 12.36
CA ASP A 662 -20.72 6.31 13.32
C ASP A 662 -22.19 6.12 12.93
N SER A 663 -22.46 5.70 11.69
CA SER A 663 -23.84 5.47 11.27
C SER A 663 -24.35 4.07 11.63
N ILE A 664 -23.45 3.13 11.92
CA ILE A 664 -23.87 1.79 12.30
C ILE A 664 -24.25 1.82 13.78
N LYS A 665 -25.51 1.50 14.08
CA LYS A 665 -26.02 1.54 15.44
C LYS A 665 -26.91 0.33 15.69
N ALA A 666 -27.02 -0.03 16.97
CA ALA A 666 -27.88 -1.14 17.38
C ALA A 666 -29.25 -0.59 17.76
N GLU A 667 -30.03 -1.37 18.51
CA GLU A 667 -31.33 -0.92 18.98
C GLU A 667 -31.18 0.31 19.86
N ARG A 668 -31.55 1.47 19.32
CA ARG A 668 -31.54 2.73 20.06
C ARG A 668 -32.76 3.53 19.65
N ASP A 669 -33.16 4.47 20.51
CA ASP A 669 -34.37 5.25 20.27
C ASP A 669 -34.36 5.88 18.88
N CYS A 670 -33.20 6.35 18.43
CA CYS A 670 -33.01 6.94 17.10
C CYS A 670 -34.10 7.95 16.74
N THR A 681 -37.06 5.73 7.51
CA THR A 681 -37.10 5.58 8.96
C THR A 681 -35.68 5.49 9.53
N CYS A 682 -34.73 6.04 8.76
CA CYS A 682 -33.30 5.87 8.97
C CYS A 682 -32.94 4.47 9.43
N ALA A 683 -33.52 3.46 8.77
CA ALA A 683 -33.18 2.06 9.07
C ALA A 683 -31.96 1.64 8.25
N ARG A 684 -32.13 1.52 6.94
CA ARG A 684 -31.11 0.95 6.05
C ARG A 684 -30.54 -0.32 6.64
N LYS A 685 -31.45 -1.22 7.05
CA LYS A 685 -31.05 -2.52 7.56
C LYS A 685 -30.31 -3.28 6.47
N LEU A 686 -29.00 -3.43 6.62
CA LEU A 686 -28.16 -4.05 5.62
C LEU A 686 -27.53 -5.32 6.18
N LYS A 687 -27.21 -6.25 5.29
CA LYS A 687 -26.70 -7.55 5.69
C LYS A 687 -25.20 -7.65 5.45
N TRP A 688 -24.52 -8.38 6.33
CA TRP A 688 -23.12 -8.72 6.16
C TRP A 688 -22.91 -10.14 6.65
N ALA A 689 -21.74 -10.70 6.35
CA ALA A 689 -21.43 -12.09 6.68
C ALA A 689 -20.24 -12.11 7.64
N TRP A 690 -20.40 -12.84 8.74
CA TRP A 690 -19.39 -12.94 9.78
C TRP A 690 -18.79 -14.34 9.79
N ARG A 691 -17.46 -14.42 9.74
CA ARG A 691 -16.75 -15.68 9.78
C ARG A 691 -15.87 -15.71 11.03
N GLY A 692 -16.02 -16.76 11.84
CA GLY A 692 -15.24 -16.90 13.05
C GLY A 692 -14.42 -18.17 13.09
N GLU A 693 -13.14 -18.05 13.46
CA GLU A 693 -12.25 -19.20 13.60
C GLU A 693 -11.97 -19.40 15.07
N PHE A 694 -12.53 -20.46 15.64
CA PHE A 694 -12.44 -20.72 17.07
C PHE A 694 -11.75 -22.05 17.33
N PHE A 695 -11.10 -22.15 18.49
CA PHE A 695 -10.53 -23.42 18.90
C PHE A 695 -11.64 -24.44 19.15
N PRO A 696 -11.46 -25.68 18.72
CA PRO A 696 -12.50 -26.69 18.96
C PRO A 696 -12.70 -26.99 20.44
N SER A 697 -11.72 -26.67 21.27
CA SER A 697 -11.83 -26.94 22.70
C SER A 697 -12.97 -26.14 23.32
N LYS A 698 -13.67 -26.75 24.26
CA LYS A 698 -14.67 -26.06 25.05
C LYS A 698 -14.00 -25.25 26.17
N MET A 699 -14.81 -24.49 26.89
CA MET A 699 -14.29 -23.62 27.94
C MET A 699 -13.64 -24.41 29.06
N ASP A 700 -14.11 -25.63 29.31
CA ASP A 700 -13.58 -26.41 30.43
C ASP A 700 -12.12 -26.78 30.21
N GLU A 701 -11.76 -27.21 28.99
CA GLU A 701 -10.35 -27.46 28.71
C GLU A 701 -9.55 -26.16 28.66
N TYR A 702 -10.20 -25.06 28.30
CA TYR A 702 -9.54 -23.75 28.36
C TYR A 702 -9.11 -23.41 29.78
N ASN A 703 -9.98 -23.67 30.76
CA ASN A 703 -9.63 -23.46 32.16
C ASN A 703 -8.52 -24.40 32.60
N MET A 704 -8.58 -25.67 32.17
CA MET A 704 -7.53 -26.61 32.49
C MET A 704 -6.18 -26.12 32.00
N ILE A 705 -6.13 -25.61 30.76
CA ILE A 705 -4.90 -25.06 30.22
C ILE A 705 -4.45 -23.86 31.04
N LYS A 706 -5.41 -23.04 31.48
CA LYS A 706 -5.06 -21.88 32.31
C LYS A 706 -4.48 -22.31 33.64
N ARG A 707 -5.13 -23.26 34.32
CA ARG A 707 -4.62 -23.73 35.60
C ARG A 707 -3.26 -24.40 35.45
N ALA A 708 -3.08 -25.17 34.37
CA ALA A 708 -1.77 -25.76 34.11
C ALA A 708 -0.70 -24.69 33.94
N LEU A 709 -1.04 -23.61 33.22
CA LEU A 709 -0.10 -22.50 33.06
C LEU A 709 0.15 -21.78 34.38
N GLN A 710 -0.86 -21.71 35.26
CA GLN A 710 -0.68 -21.06 36.55
C GLN A 710 0.32 -21.83 37.41
N ASN A 711 0.28 -23.15 37.36
CA ASN A 711 1.25 -23.97 38.07
C ASN A 711 2.63 -23.92 37.44
N GLU A 712 2.81 -23.17 36.38
CA GLU A 712 4.10 -23.03 35.70
C GLU A 712 4.76 -21.69 36.06
N THR A 713 6.05 -21.63 35.82
CA THR A 713 6.85 -20.43 36.08
C THR A 713 7.35 -19.87 34.74
N PHE A 714 7.17 -18.56 34.55
CA PHE A 714 7.53 -17.90 33.31
C PHE A 714 8.66 -16.90 33.55
N PRO A 715 9.55 -16.71 32.57
CA PRO A 715 10.68 -15.79 32.74
C PRO A 715 10.26 -14.35 32.47
N ASN A 716 11.21 -13.44 32.67
CA ASN A 716 10.98 -12.02 32.45
C ASN A 716 11.62 -11.55 31.15
N VAL A 725 10.39 -16.29 38.38
CA VAL A 725 10.77 -14.92 38.10
C VAL A 725 9.53 -14.12 37.67
N LEU A 726 8.41 -14.83 37.48
CA LEU A 726 7.14 -14.21 37.13
C LEU A 726 6.01 -15.24 37.16
N THR A 727 4.99 -15.01 37.98
CA THR A 727 3.85 -15.91 37.97
C THR A 727 2.90 -15.54 36.83
N PHE A 728 2.12 -16.54 36.41
CA PHE A 728 1.21 -16.36 35.27
C PHE A 728 0.30 -15.14 35.46
N ASP A 729 -0.10 -14.86 36.71
CA ASP A 729 -0.92 -13.69 36.96
C ASP A 729 -0.11 -12.41 36.83
N GLU A 730 1.16 -12.42 37.24
CA GLU A 730 2.01 -11.26 37.09
C GLU A 730 2.16 -10.83 35.63
N LEU A 731 1.94 -11.74 34.69
CA LEU A 731 2.03 -11.41 33.27
C LEU A 731 0.85 -10.53 32.84
N SER A 732 1.04 -9.84 31.71
CA SER A 732 -0.03 -9.03 31.16
C SER A 732 -1.11 -9.91 30.54
N TYR A 733 -2.35 -9.43 30.60
CA TYR A 733 -3.49 -10.20 30.10
C TYR A 733 -3.27 -10.64 28.65
N ALA A 734 -2.70 -9.76 27.83
CA ALA A 734 -2.39 -10.14 26.45
C ALA A 734 -1.41 -11.31 26.41
N ASP A 735 -0.28 -11.18 27.10
CA ASP A 735 0.72 -12.25 27.11
C ASP A 735 0.12 -13.56 27.59
N GLN A 736 -0.78 -13.51 28.57
CA GLN A 736 -1.40 -14.72 29.07
C GLN A 736 -2.22 -15.42 27.98
N VAL A 737 -2.98 -14.65 27.21
CA VAL A 737 -3.80 -15.24 26.16
C VAL A 737 -2.94 -15.80 25.03
N ILE A 738 -1.79 -15.17 24.76
CA ILE A 738 -0.83 -15.76 23.83
C ILE A 738 -0.45 -17.16 24.30
N HIS A 739 -0.10 -17.29 25.58
CA HIS A 739 0.23 -18.60 26.13
C HIS A 739 -0.95 -19.55 26.07
N ILE A 740 -2.13 -19.08 26.52
CA ILE A 740 -3.33 -19.92 26.53
C ILE A 740 -3.63 -20.43 25.12
N LYS A 741 -3.64 -19.51 24.15
CA LYS A 741 -3.92 -19.91 22.77
C LYS A 741 -2.91 -20.92 22.28
N LYS A 742 -1.63 -20.73 22.62
CA LYS A 742 -0.59 -21.65 22.15
C LYS A 742 -0.81 -23.06 22.69
N ARG A 743 -1.04 -23.17 24.01
CA ARG A 743 -1.29 -24.49 24.59
C ARG A 743 -2.63 -25.05 24.13
N LEU A 744 -3.63 -24.17 23.95
CA LEU A 744 -4.89 -24.62 23.38
C LEU A 744 -4.72 -25.09 21.94
N THR A 745 -3.76 -24.50 21.22
CA THR A 745 -3.46 -24.95 19.86
C THR A 745 -2.94 -26.38 19.87
N GLU A 746 -2.01 -26.69 20.78
CA GLU A 746 -1.44 -28.03 20.84
C GLU A 746 -2.47 -29.04 21.33
N TYR A 747 -3.33 -28.65 22.27
CA TYR A 747 -4.33 -29.58 22.80
C TYR A 747 -5.33 -29.98 21.72
N SER A 748 -5.73 -29.02 20.89
CA SER A 748 -6.68 -29.31 19.83
C SER A 748 -6.05 -30.15 18.74
N ARG A 749 -4.77 -29.90 18.43
CA ARG A 749 -4.08 -30.67 17.39
C ARG A 749 -4.07 -32.16 17.74
N LYS A 750 -3.97 -32.48 19.02
CA LYS A 750 -4.02 -33.88 19.45
C LYS A 750 -5.47 -34.35 19.61
N VAL A 751 -6.17 -33.80 20.59
CA VAL A 751 -7.49 -34.32 20.98
C VAL A 751 -8.50 -34.13 19.85
N TYR A 752 -8.41 -33.05 19.09
CA TYR A 752 -9.38 -32.76 18.04
C TYR A 752 -8.82 -32.86 16.64
N HIS A 753 -7.51 -33.11 16.48
CA HIS A 753 -6.87 -33.22 15.16
C HIS A 753 -7.11 -31.97 14.30
N ARG A 754 -7.24 -30.82 14.95
CA ARG A 754 -7.49 -29.56 14.26
C ARG A 754 -6.93 -28.43 15.12
N VAL A 755 -7.02 -27.21 14.59
CA VAL A 755 -6.55 -26.04 15.32
C VAL A 755 -7.66 -24.99 15.31
N LYS A 756 -8.32 -24.82 14.17
CA LYS A 756 -9.36 -23.82 14.01
C LYS A 756 -10.59 -24.45 13.38
N VAL A 757 -11.77 -23.95 13.77
CA VAL A 757 -13.04 -24.35 13.20
C VAL A 757 -13.76 -23.09 12.72
N SER A 758 -14.16 -23.07 11.47
CA SER A 758 -14.76 -21.89 10.86
C SER A 758 -16.28 -22.02 10.81
N GLU A 759 -16.96 -20.92 11.13
CA GLU A 759 -18.42 -20.85 11.05
C GLU A 759 -18.81 -19.49 10.51
N ILE A 760 -19.70 -19.47 9.52
CA ILE A 760 -20.15 -18.25 8.86
C ILE A 760 -21.57 -17.95 9.33
N VAL A 761 -21.77 -16.77 9.90
CA VAL A 761 -23.07 -16.35 10.41
C VAL A 761 -23.47 -15.07 9.69
N GLU A 762 -24.60 -15.11 8.99
CA GLU A 762 -25.14 -13.92 8.35
C GLU A 762 -25.74 -12.99 9.39
N ARG A 763 -25.39 -11.71 9.34
CA ARG A 763 -25.81 -10.74 10.32
C ARG A 763 -26.41 -9.52 9.62
N GLU A 764 -27.21 -8.77 10.37
CA GLU A 764 -27.83 -7.54 9.89
C GLU A 764 -27.47 -6.39 10.81
N ALA A 765 -27.35 -5.19 10.24
CA ALA A 765 -26.96 -4.00 10.99
C ALA A 765 -27.77 -2.80 10.50
N ILE A 766 -28.04 -1.89 11.43
CA ILE A 766 -28.81 -0.69 11.15
C ILE A 766 -27.85 0.43 10.73
N VAL A 767 -28.19 1.12 9.65
CA VAL A 767 -27.38 2.23 9.14
C VAL A 767 -28.27 3.47 9.14
N CYS A 768 -28.04 4.35 10.12
CA CYS A 768 -28.80 5.59 10.18
C CYS A 768 -28.45 6.49 9.01
N GLN A 769 -29.47 7.05 8.36
CA GLN A 769 -29.28 7.89 7.18
C GLN A 769 -29.32 9.38 7.50
N ARG A 770 -29.29 9.74 8.78
CA ARG A 770 -29.30 11.14 9.19
C ARG A 770 -28.06 11.55 9.96
N GLU A 771 -27.09 10.66 10.11
CA GLU A 771 -25.89 10.96 10.89
C GLU A 771 -25.01 11.97 10.15
N ASN A 772 -24.20 12.70 10.92
CA ASN A 772 -23.23 13.66 10.39
C ASN A 772 -22.36 12.97 9.34
N PRO A 773 -22.46 13.38 8.08
CA PRO A 773 -21.79 12.63 7.00
C PRO A 773 -20.33 12.97 6.82
N PHE A 774 -19.62 13.32 7.91
CA PHE A 774 -18.25 13.81 7.76
C PHE A 774 -17.33 12.74 7.19
N TYR A 775 -17.51 11.48 7.60
CA TYR A 775 -16.74 10.39 7.01
C TYR A 775 -17.15 10.17 5.55
N VAL A 776 -18.46 10.07 5.30
CA VAL A 776 -18.96 9.80 3.96
C VAL A 776 -18.50 10.88 2.99
N ASP A 777 -18.53 12.15 3.42
CA ASP A 777 -18.15 13.24 2.54
C ASP A 777 -16.64 13.25 2.28
N THR A 778 -15.84 12.83 3.26
CA THR A 778 -14.40 12.76 3.04
C THR A 778 -14.05 11.76 1.95
N VAL A 779 -14.70 10.59 1.97
CA VAL A 779 -14.54 9.62 0.89
C VAL A 779 -15.11 10.17 -0.41
N LYS A 780 -16.26 10.85 -0.32
CA LYS A 780 -16.87 11.45 -1.52
C LYS A 780 -15.93 12.45 -2.18
N SER A 781 -15.26 13.27 -1.37
CA SER A 781 -14.34 14.27 -1.92
C SER A 781 -13.21 13.60 -2.69
N PHE A 782 -12.55 12.62 -2.08
CA PHE A 782 -11.43 11.96 -2.73
C PHE A 782 -11.88 11.16 -3.95
N ARG A 783 -13.06 10.56 -3.89
CA ARG A 783 -13.58 9.84 -5.05
C ARG A 783 -13.81 10.79 -6.22
N ASP A 784 -14.49 11.91 -5.96
CA ASP A 784 -14.72 12.90 -7.01
C ASP A 784 -13.41 13.45 -7.55
N ARG A 785 -12.38 13.52 -6.72
CA ARG A 785 -11.07 13.96 -7.19
C ARG A 785 -10.49 12.98 -8.20
N ARG A 786 -10.53 11.68 -7.87
CA ARG A 786 -9.96 10.68 -8.77
C ARG A 786 -10.74 10.58 -10.07
N TYR A 787 -12.05 10.81 -10.03
CA TYR A 787 -12.84 10.86 -11.25
C TYR A 787 -12.28 11.89 -12.23
N GLU A 788 -11.84 13.04 -11.70
CA GLU A 788 -11.21 14.06 -12.55
C GLU A 788 -9.92 13.54 -13.17
N PHE A 789 -9.06 12.95 -12.34
CA PHE A 789 -7.79 12.41 -12.83
C PHE A 789 -8.01 11.39 -13.93
N LYS A 790 -8.87 10.40 -13.68
CA LYS A 790 -9.18 9.41 -14.71
C LYS A 790 -9.80 10.06 -15.93
N GLY A 791 -10.67 11.05 -15.71
CA GLY A 791 -11.28 11.81 -16.80
C GLY A 791 -10.28 12.45 -17.74
N LEU A 792 -9.01 12.54 -17.36
CA LEU A 792 -7.95 12.96 -18.27
C LEU A 792 -7.56 11.77 -19.14
N ALA A 793 -8.51 11.39 -20.00
CA ALA A 793 -8.30 10.29 -20.95
C ALA A 793 -7.81 10.89 -22.26
N LYS A 794 -6.55 10.60 -22.61
CA LYS A 794 -5.90 11.20 -23.75
C LYS A 794 -5.84 10.20 -24.90
N THR A 795 -6.27 10.64 -26.08
CA THR A 795 -6.21 9.81 -27.29
C THR A 795 -6.07 10.67 -28.53
N MET A 817 2.39 15.86 -23.91
CA MET A 817 1.73 14.56 -23.96
C MET A 817 2.14 13.71 -22.77
N ILE A 818 1.47 13.90 -21.63
CA ILE A 818 1.85 13.23 -20.39
C ILE A 818 0.70 12.40 -19.88
N VAL A 819 0.98 11.14 -19.51
CA VAL A 819 -0.06 10.24 -18.97
C VAL A 819 0.11 10.16 -17.45
N LEU A 820 1.16 10.80 -16.93
CA LEU A 820 1.41 10.82 -15.46
C LEU A 820 0.15 11.32 -14.74
N TYR A 821 -0.80 11.92 -15.46
CA TYR A 821 -2.07 12.33 -14.84
C TYR A 821 -2.70 11.09 -14.19
N ASP A 822 -2.73 9.98 -14.93
CA ASP A 822 -3.30 8.72 -14.40
C ASP A 822 -2.31 8.14 -13.40
N SER A 823 -1.05 8.57 -13.49
CA SER A 823 -0.03 8.11 -12.52
C SER A 823 -0.41 8.64 -11.13
N LEU A 824 -1.31 9.60 -11.10
CA LEU A 824 -1.75 10.17 -9.81
C LEU A 824 -3.16 9.69 -9.48
N GLN A 825 -3.94 9.31 -10.49
CA GLN A 825 -5.29 8.74 -10.21
C GLN A 825 -5.08 7.47 -9.40
N LEU A 826 -4.03 6.72 -9.68
CA LEU A 826 -3.73 5.52 -8.87
C LEU A 826 -3.48 5.98 -7.43
N ALA A 827 -2.93 7.18 -7.26
CA ALA A 827 -2.63 7.72 -5.92
C ALA A 827 -3.94 7.92 -5.16
N HIS A 828 -4.93 8.51 -5.83
CA HIS A 828 -6.24 8.72 -5.19
C HIS A 828 -6.83 7.34 -4.84
N LYS A 829 -6.55 6.33 -5.66
CA LYS A 829 -7.08 4.96 -5.42
C LYS A 829 -6.39 4.36 -4.20
N VAL A 830 -5.08 4.61 -4.06
CA VAL A 830 -4.32 4.08 -2.91
C VAL A 830 -4.96 4.60 -1.62
N ILE A 831 -5.48 5.83 -1.65
CA ILE A 831 -6.06 6.45 -0.43
C ILE A 831 -7.50 5.95 -0.26
N LEU A 832 -8.22 5.86 -1.36
CA LEU A 832 -9.61 5.35 -1.31
C LEU A 832 -9.63 3.91 -0.78
N ASN A 833 -8.71 3.07 -1.25
CA ASN A 833 -8.71 1.63 -0.85
C ASN A 833 -8.48 1.53 0.66
N SER A 834 -7.57 2.36 1.19
CA SER A 834 -7.25 2.35 2.63
C SER A 834 -8.39 3.01 3.42
N PHE A 835 -9.29 3.73 2.74
CA PHE A 835 -10.48 4.33 3.42
C PHE A 835 -11.47 3.21 3.68
N TYR A 836 -11.44 2.18 2.84
CA TYR A 836 -12.28 0.98 3.10
C TYR A 836 -11.59 0.16 4.19
N GLY A 837 -10.26 0.14 4.20
CA GLY A 837 -9.58 -0.69 5.18
C GLY A 837 -9.43 -0.05 6.55
N TYR A 838 -9.41 1.28 6.62
CA TYR A 838 -9.20 1.97 7.88
C TYR A 838 -10.23 1.56 8.93
N VAL A 839 -11.42 1.15 8.49
CA VAL A 839 -12.47 0.77 9.42
C VAL A 839 -12.14 -0.53 10.14
N MET A 840 -11.24 -1.35 9.59
CA MET A 840 -10.78 -2.58 10.24
C MET A 840 -9.36 -2.47 10.78
N ARG A 841 -8.77 -1.28 10.70
CA ARG A 841 -7.38 -1.10 11.12
C ARG A 841 -7.27 -1.14 12.64
N LYS A 842 -6.19 -1.75 13.11
CA LYS A 842 -5.93 -1.78 14.54
C LYS A 842 -5.51 -0.39 15.03
N GLY A 843 -6.04 0.01 16.18
CA GLY A 843 -5.75 1.34 16.69
C GLY A 843 -6.47 2.46 15.98
N SER A 844 -7.53 2.16 15.25
CA SER A 844 -8.28 3.18 14.53
C SER A 844 -9.21 3.92 15.49
N ARG A 845 -9.52 5.17 15.16
CA ARG A 845 -10.44 5.99 15.98
C ARG A 845 -11.87 5.70 15.52
N TRP A 846 -12.05 5.35 14.26
CA TRP A 846 -13.38 4.97 13.74
C TRP A 846 -13.34 3.51 13.25
N TYR A 847 -13.99 2.59 13.97
CA TYR A 847 -13.91 1.15 13.63
C TYR A 847 -15.30 0.54 13.46
N SER A 848 -15.48 -0.22 12.40
CA SER A 848 -16.74 -0.97 12.22
C SER A 848 -16.50 -2.13 11.26
N MET A 849 -16.41 -3.35 11.79
CA MET A 849 -16.30 -4.54 10.91
C MET A 849 -17.60 -4.59 10.12
N GLU A 850 -18.71 -4.27 10.77
CA GLU A 850 -20.05 -4.32 10.13
C GLU A 850 -20.06 -3.53 8.83
N MET A 851 -19.42 -2.37 8.81
CA MET A 851 -19.46 -1.48 7.63
C MET A 851 -18.63 -2.09 6.50
N ALA A 852 -17.50 -2.68 6.84
CA ALA A 852 -16.62 -3.29 5.83
C ALA A 852 -17.28 -4.54 5.27
N GLY A 853 -18.00 -5.27 6.12
CA GLY A 853 -18.76 -6.44 5.67
C GLY A 853 -19.94 -6.08 4.81
N ILE A 854 -20.67 -5.01 5.15
CA ILE A 854 -21.80 -4.58 4.28
C ILE A 854 -21.23 -4.24 2.91
N THR A 855 -20.09 -3.56 2.88
CA THR A 855 -19.54 -3.16 1.59
C THR A 855 -19.15 -4.38 0.75
N CYS A 856 -18.56 -5.40 1.40
CA CYS A 856 -18.13 -6.59 0.67
C CYS A 856 -19.32 -7.42 0.22
N LEU A 857 -20.27 -7.68 1.13
CA LEU A 857 -21.41 -8.52 0.80
C LEU A 857 -22.30 -7.86 -0.25
N THR A 858 -22.51 -6.55 -0.14
CA THR A 858 -23.28 -5.85 -1.15
C THR A 858 -22.62 -5.94 -2.51
N GLY A 859 -21.28 -5.83 -2.55
CA GLY A 859 -20.57 -5.95 -3.80
C GLY A 859 -20.67 -7.34 -4.41
N ALA A 860 -20.62 -8.38 -3.58
CA ALA A 860 -20.83 -9.73 -4.07
C ALA A 860 -22.23 -9.89 -4.66
N THR A 861 -23.24 -9.34 -3.99
CA THR A 861 -24.61 -9.41 -4.51
C THR A 861 -24.71 -8.75 -5.88
N ILE A 862 -24.00 -7.63 -6.07
CA ILE A 862 -24.08 -6.92 -7.35
C ILE A 862 -23.39 -7.73 -8.45
N ILE A 863 -22.19 -8.25 -8.17
CA ILE A 863 -21.43 -8.94 -9.20
C ILE A 863 -22.10 -10.26 -9.58
N GLN A 864 -22.81 -10.90 -8.64
CA GLN A 864 -23.49 -12.14 -8.97
C GLN A 864 -24.75 -11.88 -9.80
N MET A 865 -25.42 -10.74 -9.56
CA MET A 865 -26.52 -10.33 -10.43
C MET A 865 -26.03 -10.11 -11.85
N ALA A 866 -24.88 -9.45 -12.00
CA ALA A 866 -24.31 -9.26 -13.32
C ALA A 866 -24.00 -10.59 -13.98
N ARG A 867 -23.39 -11.51 -13.24
CA ARG A 867 -23.09 -12.83 -13.79
C ARG A 867 -24.36 -13.58 -14.14
N ALA A 868 -25.36 -13.54 -13.25
CA ALA A 868 -26.58 -14.31 -13.44
C ALA A 868 -27.27 -13.99 -14.77
N LEU A 869 -27.06 -12.79 -15.29
CA LEU A 869 -27.65 -12.39 -16.56
C LEU A 869 -26.71 -12.58 -17.74
N VAL A 870 -25.41 -12.36 -17.53
CA VAL A 870 -24.44 -12.58 -18.59
C VAL A 870 -24.42 -14.03 -19.04
N GLU A 871 -24.60 -14.95 -18.09
CA GLU A 871 -24.63 -16.38 -18.42
C GLU A 871 -25.84 -16.72 -19.29
N ARG A 872 -26.94 -16.00 -19.11
CA ARG A 872 -28.14 -16.20 -19.91
C ARG A 872 -28.07 -15.49 -21.25
N VAL A 873 -26.95 -14.83 -21.54
CA VAL A 873 -26.81 -14.04 -22.75
C VAL A 873 -25.45 -14.32 -23.37
N GLY A 874 -24.57 -14.95 -22.61
CA GLY A 874 -23.24 -15.28 -23.09
C GLY A 874 -22.51 -16.23 -22.17
N ARG A 875 -21.17 -16.15 -22.15
CA ARG A 875 -20.35 -17.04 -21.35
C ARG A 875 -19.40 -16.24 -20.47
N PRO A 876 -19.65 -16.18 -19.15
CA PRO A 876 -18.71 -15.50 -18.25
C PRO A 876 -17.49 -16.37 -17.99
N LEU A 877 -16.31 -15.77 -18.09
CA LEU A 877 -15.05 -16.50 -17.99
C LEU A 877 -14.41 -16.43 -16.61
N GLU A 878 -14.33 -15.23 -16.01
CA GLU A 878 -13.75 -15.08 -14.68
C GLU A 878 -14.39 -13.88 -14.00
N LEU A 879 -14.50 -13.98 -12.67
CA LEU A 879 -15.18 -12.97 -11.85
C LEU A 879 -14.38 -12.76 -10.57
N ASP A 880 -14.11 -11.50 -10.22
CA ASP A 880 -13.29 -11.19 -9.05
C ASP A 880 -13.73 -9.84 -8.47
N THR A 881 -14.49 -9.90 -7.37
CA THR A 881 -14.87 -8.77 -6.51
C THR A 881 -15.89 -7.85 -7.17
N ASP A 882 -15.51 -7.22 -8.28
CA ASP A 882 -16.41 -6.24 -8.97
C ASP A 882 -16.22 -6.37 -10.49
N GLY A 883 -15.37 -7.29 -10.93
CA GLY A 883 -15.10 -7.40 -12.35
C GLY A 883 -15.59 -8.73 -12.89
N ILE A 884 -15.83 -8.76 -14.20
CA ILE A 884 -16.26 -9.97 -14.89
C ILE A 884 -15.59 -9.97 -16.26
N TRP A 885 -14.81 -11.00 -16.54
CA TRP A 885 -14.30 -11.25 -17.87
C TRP A 885 -15.28 -12.18 -18.58
N CYS A 886 -15.64 -11.83 -19.80
CA CYS A 886 -16.71 -12.55 -20.48
C CYS A 886 -16.52 -12.50 -21.99
N ILE A 887 -17.14 -13.45 -22.67
CA ILE A 887 -17.22 -13.47 -24.13
C ILE A 887 -18.69 -13.38 -24.50
N LEU A 888 -19.01 -12.49 -25.43
CA LEU A 888 -20.38 -12.29 -25.89
C LEU A 888 -20.45 -12.51 -27.40
N PRO A 889 -21.59 -12.97 -27.90
CA PRO A 889 -21.72 -13.15 -29.35
C PRO A 889 -21.49 -11.84 -30.10
N LYS A 890 -20.85 -11.94 -31.26
CA LYS A 890 -20.65 -10.76 -32.10
C LYS A 890 -21.98 -10.12 -32.49
N SER A 891 -23.06 -10.90 -32.50
CA SER A 891 -24.39 -10.41 -32.85
C SER A 891 -25.14 -9.85 -31.64
N PHE A 892 -24.45 -9.57 -30.54
CA PHE A 892 -25.12 -8.90 -29.43
C PHE A 892 -25.01 -7.39 -29.59
N PRO A 893 -26.08 -6.65 -29.24
CA PRO A 893 -26.03 -5.19 -29.36
C PRO A 893 -24.85 -4.62 -28.60
N GLU A 894 -24.03 -3.81 -29.28
CA GLU A 894 -22.73 -3.42 -28.75
C GLU A 894 -22.62 -1.94 -28.43
N THR A 895 -22.09 -1.12 -29.33
CA THR A 895 -21.81 0.28 -29.07
C THR A 895 -22.78 1.12 -29.90
N TYR A 896 -23.32 2.16 -29.30
CA TYR A 896 -24.24 3.05 -29.99
C TYR A 896 -23.98 4.48 -29.54
N PHE A 897 -24.09 5.42 -30.48
CA PHE A 897 -23.87 6.84 -30.19
C PHE A 897 -25.17 7.58 -30.38
N PHE A 898 -25.69 8.16 -29.30
CA PHE A 898 -26.83 9.08 -29.42
C PHE A 898 -26.41 10.34 -30.16
N THR A 899 -27.30 10.84 -31.01
CA THR A 899 -27.09 12.09 -31.71
C THR A 899 -27.89 13.18 -31.00
N LEU A 900 -27.21 14.22 -30.54
CA LEU A 900 -27.83 15.30 -29.81
C LEU A 900 -28.10 16.48 -30.73
N GLU A 901 -29.13 17.26 -30.38
CA GLU A 901 -29.45 18.47 -31.14
C GLU A 901 -28.31 19.47 -31.13
N ASN A 902 -27.42 19.40 -30.16
CA ASN A 902 -26.21 20.21 -30.12
C ASN A 902 -25.12 19.67 -31.03
N GLY A 903 -25.45 18.69 -31.88
CA GLY A 903 -24.43 17.99 -32.63
C GLY A 903 -23.52 17.12 -31.78
N LYS A 904 -23.89 16.86 -30.54
CA LYS A 904 -23.07 16.09 -29.61
C LYS A 904 -23.32 14.60 -29.79
N LYS A 905 -22.35 13.81 -29.33
CA LYS A 905 -22.41 12.36 -29.41
C LYS A 905 -22.27 11.78 -28.00
N LEU A 906 -23.14 10.85 -27.66
CA LEU A 906 -23.19 10.25 -26.33
C LEU A 906 -22.94 8.75 -26.45
N TYR A 907 -21.90 8.26 -25.79
CA TYR A 907 -21.54 6.85 -25.84
C TYR A 907 -22.68 6.00 -25.28
N LEU A 908 -22.82 4.79 -25.83
CA LEU A 908 -23.72 3.79 -25.28
C LEU A 908 -23.13 2.42 -25.55
N SER A 909 -22.78 1.72 -24.48
CA SER A 909 -22.46 0.30 -24.53
C SER A 909 -23.65 -0.42 -23.91
N TYR A 910 -24.52 -0.98 -24.75
CA TYR A 910 -25.65 -1.74 -24.21
C TYR A 910 -25.22 -2.72 -23.14
N PRO A 911 -24.25 -3.63 -23.38
CA PRO A 911 -23.84 -4.58 -22.32
C PRO A 911 -23.56 -3.93 -20.97
N CYS A 912 -23.11 -2.68 -20.96
CA CYS A 912 -22.89 -1.99 -19.69
C CYS A 912 -24.19 -1.41 -19.14
N SER A 913 -24.93 -0.68 -19.97
CA SER A 913 -26.11 0.01 -19.49
C SER A 913 -27.25 -0.95 -19.19
N MET A 914 -27.31 -2.12 -19.86
CA MET A 914 -28.30 -3.12 -19.48
C MET A 914 -28.06 -3.61 -18.07
N LEU A 915 -26.80 -3.62 -17.63
CA LEU A 915 -26.50 -3.99 -16.25
C LEU A 915 -26.68 -2.80 -15.31
N ASN A 916 -26.23 -1.61 -15.74
CA ASN A 916 -26.35 -0.43 -14.89
C ASN A 916 -27.80 -0.13 -14.55
N TYR A 917 -28.70 -0.24 -15.53
CA TYR A 917 -30.12 -0.01 -15.26
C TYR A 917 -30.63 -0.98 -14.20
N ARG A 918 -30.27 -2.27 -14.31
CA ARG A 918 -30.71 -3.24 -13.32
C ARG A 918 -30.08 -2.97 -11.96
N VAL A 919 -28.84 -2.49 -11.94
CA VAL A 919 -28.21 -2.10 -10.68
C VAL A 919 -28.99 -0.96 -10.03
N HIS A 920 -29.20 0.13 -10.79
CA HIS A 920 -29.95 1.28 -10.30
C HIS A 920 -31.42 0.95 -10.06
N GLN A 921 -31.89 -0.23 -10.44
CA GLN A 921 -33.24 -0.67 -10.14
C GLN A 921 -33.32 -1.56 -8.90
N LYS A 922 -32.21 -2.19 -8.51
CA LYS A 922 -32.22 -3.13 -7.39
C LYS A 922 -31.30 -2.76 -6.24
N PHE A 923 -30.43 -1.76 -6.40
CA PHE A 923 -29.44 -1.43 -5.37
C PHE A 923 -29.41 0.06 -5.05
N THR A 924 -30.49 0.80 -5.33
CA THR A 924 -30.53 2.23 -5.09
C THR A 924 -31.00 2.51 -3.68
N ASN A 925 -30.31 3.42 -2.98
CA ASN A 925 -30.66 3.80 -1.63
C ASN A 925 -31.71 4.91 -1.70
N HIS A 926 -32.97 4.55 -1.57
CA HIS A 926 -34.06 5.51 -1.53
C HIS A 926 -34.26 6.11 -0.14
N GLN A 927 -33.35 5.86 0.80
CA GLN A 927 -33.48 6.35 2.17
C GLN A 927 -32.43 7.39 2.53
N TYR A 928 -31.60 7.81 1.57
CA TYR A 928 -30.56 8.79 1.84
C TYR A 928 -31.16 10.10 2.31
N GLN A 929 -30.83 10.52 3.53
CA GLN A 929 -31.30 11.77 4.10
C GLN A 929 -30.13 12.73 4.27
N GLU A 930 -30.38 14.01 3.98
CA GLU A 930 -29.36 15.04 4.12
C GLU A 930 -29.99 16.27 4.75
N LEU A 931 -29.19 17.00 5.53
CA LEU A 931 -29.66 18.19 6.23
C LEU A 931 -29.99 19.29 5.21
N LYS A 932 -31.27 19.58 5.06
CA LYS A 932 -31.68 20.66 4.15
C LYS A 932 -31.40 22.02 4.75
N ASP A 933 -31.99 22.31 5.91
CA ASP A 933 -31.78 23.57 6.62
C ASP A 933 -31.32 23.25 8.04
N PRO A 934 -30.05 23.46 8.36
CA PRO A 934 -29.57 23.11 9.71
C PRO A 934 -30.08 24.02 10.81
N LEU A 935 -30.59 25.21 10.49
CA LEU A 935 -31.01 26.13 11.53
C LEU A 935 -32.25 25.63 12.26
N ASN A 936 -33.12 24.88 11.58
CA ASN A 936 -34.29 24.31 12.21
C ASN A 936 -34.32 22.79 12.08
N TYR A 937 -33.20 22.17 11.69
CA TYR A 937 -33.01 20.71 11.63
C TYR A 937 -33.94 19.97 10.67
N ILE A 938 -34.15 20.52 9.48
CA ILE A 938 -35.01 19.87 8.48
C ILE A 938 -34.16 18.95 7.61
N TYR A 939 -34.47 17.65 7.63
CA TYR A 939 -33.80 16.65 6.83
C TYR A 939 -34.66 16.29 5.64
N GLU A 940 -34.03 16.09 4.48
CA GLU A 940 -34.75 15.76 3.26
C GLU A 940 -34.21 14.46 2.67
N THR A 941 -35.12 13.51 2.42
CA THR A 941 -34.76 12.19 1.90
C THR A 941 -34.76 12.21 0.38
N HIS A 942 -33.81 11.47 -0.21
CA HIS A 942 -33.74 11.32 -1.65
C HIS A 942 -33.08 9.99 -1.98
N SER A 943 -33.10 9.66 -3.27
CA SER A 943 -32.58 8.39 -3.78
C SER A 943 -31.17 8.60 -4.32
N GLU A 944 -30.23 7.76 -3.87
CA GLU A 944 -28.84 7.88 -4.27
C GLU A 944 -28.32 6.53 -4.75
N ASN A 945 -27.62 6.56 -5.89
CA ASN A 945 -26.92 5.39 -6.42
C ASN A 945 -25.83 5.89 -7.33
N THR A 946 -24.57 5.81 -6.89
CA THR A 946 -23.43 6.18 -7.70
C THR A 946 -22.73 4.96 -8.29
N ILE A 947 -23.31 3.77 -8.12
CA ILE A 947 -22.71 2.53 -8.59
C ILE A 947 -22.88 2.42 -10.10
N PHE A 948 -21.77 2.31 -10.81
CA PHE A 948 -21.79 2.18 -12.27
C PHE A 948 -20.74 1.18 -12.71
N PHE A 949 -21.01 0.52 -13.84
CA PHE A 949 -20.06 -0.37 -14.47
C PHE A 949 -19.29 0.36 -15.57
N GLU A 950 -18.06 -0.06 -15.79
CA GLU A 950 -17.23 0.38 -16.91
C GLU A 950 -16.87 -0.82 -17.77
N VAL A 951 -16.57 -0.57 -19.04
CA VAL A 951 -16.26 -1.64 -19.98
C VAL A 951 -14.87 -1.46 -20.54
N ASP A 952 -14.19 -2.58 -20.76
CA ASP A 952 -12.88 -2.63 -21.39
C ASP A 952 -12.96 -3.54 -22.60
N GLY A 953 -12.45 -3.08 -23.74
CA GLY A 953 -12.30 -3.92 -24.91
C GLY A 953 -12.98 -3.39 -26.15
N PRO A 954 -13.34 -4.22 -27.15
CA PRO A 954 -13.09 -5.66 -27.11
C PRO A 954 -11.59 -6.04 -27.17
N TYR A 955 -11.26 -7.23 -26.68
CA TYR A 955 -9.90 -7.72 -26.62
C TYR A 955 -9.70 -8.84 -27.62
N LYS A 956 -8.47 -8.97 -28.11
CA LYS A 956 -8.19 -9.96 -29.15
C LYS A 956 -8.20 -11.38 -28.60
N ALA A 957 -7.66 -11.57 -27.40
CA ALA A 957 -7.44 -12.90 -26.87
C ALA A 957 -7.41 -12.86 -25.35
N MET A 958 -7.98 -13.87 -24.71
CA MET A 958 -7.80 -14.09 -23.29
C MET A 958 -7.50 -15.56 -23.04
N ILE A 959 -6.43 -15.81 -22.29
CA ILE A 959 -5.97 -17.15 -21.99
C ILE A 959 -6.16 -17.38 -20.49
N LEU A 960 -6.96 -18.39 -20.14
CA LEU A 960 -7.23 -18.72 -18.75
C LEU A 960 -6.74 -20.14 -18.45
N PRO A 961 -5.94 -20.32 -17.41
CA PRO A 961 -5.40 -21.66 -17.12
C PRO A 961 -6.35 -22.49 -16.28
N SER A 962 -6.08 -23.79 -16.26
CA SER A 962 -6.90 -24.75 -15.55
C SER A 962 -6.08 -25.45 -14.47
N SER A 963 -6.79 -25.98 -13.48
CA SER A 963 -6.16 -26.67 -12.36
C SER A 963 -5.71 -28.07 -12.77
N LYS A 964 -4.76 -28.61 -12.00
CA LYS A 964 -4.39 -30.01 -12.15
C LYS A 964 -5.41 -30.93 -11.49
N GLU A 965 -6.23 -30.41 -10.58
CA GLU A 965 -7.28 -31.18 -9.93
C GLU A 965 -8.57 -31.07 -10.74
N GLU A 966 -9.28 -32.19 -10.86
CA GLU A 966 -10.48 -32.26 -11.67
C GLU A 966 -11.52 -31.23 -11.20
N GLY A 967 -12.23 -30.65 -12.15
CA GLY A 967 -13.30 -29.70 -11.85
C GLY A 967 -12.87 -28.32 -11.42
N LYS A 968 -11.91 -28.22 -10.51
CA LYS A 968 -11.45 -26.92 -10.04
C LYS A 968 -10.82 -26.12 -11.18
N GLY A 969 -10.94 -24.80 -11.08
CA GLY A 969 -10.23 -23.89 -11.96
C GLY A 969 -9.11 -23.16 -11.24
N ILE A 970 -8.50 -22.22 -11.97
CA ILE A 970 -7.48 -21.34 -11.42
C ILE A 970 -8.03 -19.93 -11.42
N LYS A 971 -8.07 -19.30 -10.24
CA LYS A 971 -8.57 -17.95 -10.09
C LYS A 971 -7.42 -16.95 -10.08
N LYS A 972 -7.77 -15.69 -10.36
CA LYS A 972 -6.86 -14.55 -10.28
C LYS A 972 -5.64 -14.69 -11.19
N ARG A 973 -5.76 -15.46 -12.27
CA ARG A 973 -4.68 -15.65 -13.22
C ARG A 973 -5.25 -15.72 -14.62
N TYR A 974 -4.67 -14.94 -15.54
CA TYR A 974 -5.06 -14.92 -16.94
C TYR A 974 -4.12 -13.99 -17.69
N ALA A 975 -4.24 -14.00 -19.02
CA ALA A 975 -3.49 -13.11 -19.89
C ALA A 975 -4.43 -12.60 -20.98
N VAL A 976 -4.41 -11.29 -21.22
CA VAL A 976 -5.28 -10.67 -22.20
C VAL A 976 -4.42 -9.90 -23.20
N PHE A 977 -4.84 -9.90 -24.47
CA PHE A 977 -4.09 -9.26 -25.54
C PHE A 977 -4.98 -8.25 -26.27
N ASN A 978 -4.42 -7.08 -26.54
CA ASN A 978 -5.13 -6.08 -27.31
C ASN A 978 -5.22 -6.51 -28.77
N GLU A 979 -6.11 -5.84 -29.52
CA GLU A 979 -6.33 -6.19 -30.92
C GLU A 979 -5.09 -5.93 -31.79
N ASP A 980 -4.06 -5.28 -31.26
CA ASP A 980 -2.83 -5.03 -31.99
C ASP A 980 -1.73 -6.03 -31.65
N GLY A 981 -2.05 -7.06 -30.88
CA GLY A 981 -1.07 -8.06 -30.48
C GLY A 981 -0.37 -7.77 -29.18
N SER A 982 -0.34 -6.52 -28.74
CA SER A 982 0.36 -6.17 -27.51
C SER A 982 -0.33 -6.80 -26.30
N LEU A 983 0.45 -7.03 -25.25
CA LEU A 983 -0.08 -7.60 -24.02
C LEU A 983 -0.91 -6.54 -23.29
N ALA A 984 -2.20 -6.82 -23.11
CA ALA A 984 -3.06 -5.89 -22.39
C ALA A 984 -2.92 -6.08 -20.88
N GLU A 985 -3.13 -7.31 -20.40
CA GLU A 985 -3.04 -7.62 -18.98
C GLU A 985 -2.40 -8.97 -18.78
N LEU A 986 -1.59 -9.09 -17.73
CA LEU A 986 -1.04 -10.37 -17.28
C LEU A 986 -1.12 -10.38 -15.75
N LYS A 987 -1.86 -11.34 -15.20
CA LYS A 987 -2.16 -11.34 -13.78
C LYS A 987 -1.83 -12.70 -13.17
N GLY A 988 -1.17 -12.68 -12.01
CA GLY A 988 -1.02 -13.83 -11.16
C GLY A 988 0.18 -14.72 -11.43
N PHE A 989 0.62 -14.83 -12.69
CA PHE A 989 1.62 -15.81 -13.05
C PHE A 989 2.97 -15.49 -12.40
N GLU A 990 3.80 -16.53 -12.31
CA GLU A 990 5.12 -16.40 -11.68
C GLU A 990 6.03 -15.45 -12.43
N LEU A 991 5.74 -15.19 -13.71
CA LEU A 991 6.50 -14.19 -14.46
C LEU A 991 6.52 -12.86 -13.74
N LYS A 992 5.38 -12.45 -13.18
CA LYS A 992 5.31 -11.19 -12.45
C LYS A 992 5.74 -11.33 -10.99
N ARG A 993 5.38 -12.46 -10.36
CA ARG A 993 5.68 -12.64 -8.94
C ARG A 993 7.18 -12.58 -8.69
N ARG A 994 7.54 -12.11 -7.49
CA ARG A 994 8.93 -12.01 -7.12
C ARG A 994 9.45 -13.40 -6.80
N GLY A 995 10.72 -13.67 -7.11
CA GLY A 995 11.35 -14.92 -6.64
C GLY A 995 10.72 -16.25 -6.99
N GLU A 996 10.55 -16.54 -8.27
CA GLU A 996 10.14 -17.87 -8.69
C GLU A 996 11.21 -18.53 -9.55
N LEU A 997 11.03 -19.82 -9.82
CA LEU A 997 11.97 -20.53 -10.68
C LEU A 997 12.05 -19.83 -12.02
N GLN A 998 13.23 -19.31 -12.35
CA GLN A 998 13.41 -18.52 -13.56
C GLN A 998 12.96 -19.29 -14.80
N LEU A 999 13.04 -20.62 -14.76
CA LEU A 999 12.64 -21.43 -15.90
C LEU A 999 11.16 -21.24 -16.22
N ILE A 1000 10.30 -21.24 -15.21
CA ILE A 1000 8.88 -20.99 -15.43
C ILE A 1000 8.64 -19.56 -15.89
N LYS A 1001 9.39 -18.61 -15.33
CA LYS A 1001 9.24 -17.22 -15.72
C LYS A 1001 9.62 -17.02 -17.19
N ASN A 1002 10.73 -17.61 -17.62
CA ASN A 1002 11.16 -17.46 -19.00
C ASN A 1002 10.30 -18.27 -19.95
N PHE A 1003 9.79 -19.42 -19.49
CA PHE A 1003 8.88 -20.20 -20.32
C PHE A 1003 7.55 -19.47 -20.51
N GLN A 1004 7.02 -18.88 -19.44
CA GLN A 1004 5.76 -18.16 -19.55
C GLN A 1004 5.89 -16.93 -20.43
N SER A 1005 7.01 -16.20 -20.32
CA SER A 1005 7.23 -15.05 -21.19
C SER A 1005 7.27 -15.45 -22.65
N ASP A 1006 7.82 -16.63 -22.95
CA ASP A 1006 7.94 -17.10 -24.32
C ASP A 1006 6.70 -17.83 -24.81
N ILE A 1007 5.79 -18.23 -23.92
CA ILE A 1007 4.68 -19.07 -24.33
C ILE A 1007 3.42 -18.28 -24.63
N PHE A 1008 3.19 -17.16 -23.93
CA PHE A 1008 1.89 -16.50 -24.01
C PHE A 1008 1.67 -15.83 -25.36
N LYS A 1009 2.73 -15.23 -25.93
CA LYS A 1009 2.59 -14.55 -27.21
C LYS A 1009 2.24 -15.53 -28.33
N VAL A 1010 2.61 -16.80 -28.18
CA VAL A 1010 2.33 -17.78 -29.23
C VAL A 1010 0.86 -18.18 -29.28
N PHE A 1011 0.10 -17.91 -28.20
CA PHE A 1011 -1.33 -18.21 -28.18
C PHE A 1011 -2.11 -17.36 -29.17
N LEU A 1012 -1.41 -16.45 -29.86
CA LEU A 1012 -2.03 -15.62 -30.88
C LEU A 1012 -1.90 -16.21 -32.28
N GLU A 1013 -0.95 -17.12 -32.49
CA GLU A 1013 -0.72 -17.67 -33.81
C GLU A 1013 -1.67 -18.84 -34.09
N GLY A 1014 -1.76 -19.20 -35.36
CA GLY A 1014 -2.67 -20.24 -35.81
C GLY A 1014 -3.98 -19.66 -36.34
N ASP A 1015 -4.65 -20.46 -37.16
CA ASP A 1015 -5.94 -20.09 -37.71
C ASP A 1015 -7.07 -20.98 -37.21
N THR A 1016 -6.77 -21.91 -36.30
CA THR A 1016 -7.78 -22.73 -35.66
C THR A 1016 -7.39 -22.93 -34.21
N LEU A 1017 -8.35 -23.34 -33.38
CA LEU A 1017 -8.06 -23.61 -31.98
C LEU A 1017 -6.98 -24.68 -31.85
N GLU A 1018 -6.96 -25.65 -32.75
CA GLU A 1018 -5.96 -26.71 -32.71
C GLU A 1018 -4.59 -26.21 -33.17
N GLY A 1019 -4.57 -25.35 -34.19
CA GLY A 1019 -3.31 -24.80 -34.66
C GLY A 1019 -2.66 -23.86 -33.68
N CYS A 1020 -3.47 -23.13 -32.91
CA CYS A 1020 -2.93 -22.34 -31.80
C CYS A 1020 -2.19 -23.23 -30.82
N TYR A 1021 -2.80 -24.35 -30.43
CA TYR A 1021 -2.16 -25.25 -29.47
C TYR A 1021 -0.93 -25.93 -30.06
N SER A 1022 -0.93 -26.20 -31.36
CA SER A 1022 0.23 -26.84 -31.97
C SER A 1022 1.42 -25.89 -32.03
N ALA A 1023 1.17 -24.62 -32.33
CA ALA A 1023 2.24 -23.63 -32.33
C ALA A 1023 2.78 -23.40 -30.93
N VAL A 1024 1.89 -23.28 -29.95
CA VAL A 1024 2.31 -23.08 -28.57
C VAL A 1024 3.00 -24.32 -28.02
N ALA A 1025 2.68 -25.50 -28.57
CA ALA A 1025 3.33 -26.74 -28.11
C ALA A 1025 4.78 -26.81 -28.59
N SER A 1026 5.04 -26.30 -29.79
CA SER A 1026 6.41 -26.28 -30.30
C SER A 1026 7.36 -25.59 -29.34
N VAL A 1027 6.90 -24.47 -28.75
CA VAL A 1027 7.72 -23.80 -27.73
C VAL A 1027 7.83 -24.67 -26.48
N CYS A 1028 6.77 -25.42 -26.14
CA CYS A 1028 6.81 -26.28 -24.97
C CYS A 1028 7.85 -27.39 -25.15
N ASN A 1029 7.83 -28.07 -26.29
CA ASN A 1029 8.78 -29.14 -26.54
C ASN A 1029 10.21 -28.63 -26.54
N ARG A 1030 10.43 -27.40 -27.02
CA ARG A 1030 11.77 -26.83 -27.02
C ARG A 1030 12.29 -26.65 -25.59
N TRP A 1031 11.43 -26.19 -24.68
CA TRP A 1031 11.83 -26.06 -23.29
C TRP A 1031 12.03 -27.43 -22.65
N LEU A 1032 11.18 -28.39 -23.03
CA LEU A 1032 11.32 -29.77 -22.50
C LEU A 1032 12.64 -30.34 -23.01
N ASP A 1033 13.05 -29.95 -24.20
CA ASP A 1033 14.31 -30.46 -24.79
C ASP A 1033 15.48 -30.05 -23.90
N VAL A 1034 15.45 -28.83 -23.37
CA VAL A 1034 16.58 -28.31 -22.54
C VAL A 1034 16.68 -29.12 -21.26
N LEU A 1035 15.53 -29.47 -20.69
CA LEU A 1035 15.52 -30.17 -19.39
C LEU A 1035 15.89 -31.63 -19.63
N ASP A 1036 15.44 -32.19 -20.74
CA ASP A 1036 15.76 -33.60 -21.07
C ASP A 1036 17.17 -33.65 -21.65
N SER A 1037 17.71 -32.53 -22.10
CA SER A 1037 19.10 -32.45 -22.60
C SER A 1037 20.04 -32.13 -21.44
N HIS A 1038 19.53 -32.18 -20.21
CA HIS A 1038 20.33 -31.81 -19.02
C HIS A 1038 21.18 -30.58 -19.34
N GLY A 1039 20.65 -29.63 -20.10
CA GLY A 1039 21.36 -28.36 -20.37
C GLY A 1039 22.64 -28.53 -21.14
N LEU A 1040 22.67 -29.41 -22.12
CA LEU A 1040 23.93 -29.68 -22.86
C LEU A 1040 24.31 -28.45 -23.70
N MET A 1041 23.32 -27.74 -24.24
CA MET A 1041 23.64 -26.62 -25.16
C MET A 1041 23.56 -25.28 -24.43
N LEU A 1042 23.58 -25.30 -23.10
CA LEU A 1042 23.50 -24.05 -22.32
C LEU A 1042 24.81 -23.84 -21.59
N GLU A 1043 25.28 -22.60 -21.51
CA GLU A 1043 26.52 -22.30 -20.75
C GLU A 1043 26.20 -22.46 -19.26
N ASP A 1044 27.23 -22.76 -18.45
CA ASP A 1044 26.98 -23.05 -17.02
C ASP A 1044 26.35 -21.82 -16.35
N GLU A 1045 26.69 -20.62 -16.81
CA GLU A 1045 26.12 -19.38 -16.24
C GLU A 1045 24.63 -19.28 -16.57
N ASP A 1046 24.28 -19.51 -17.82
CA ASP A 1046 22.85 -19.40 -18.24
C ASP A 1046 22.04 -20.47 -17.49
N LEU A 1047 22.62 -21.64 -17.25
CA LEU A 1047 21.88 -22.76 -16.62
C LEU A 1047 21.56 -22.44 -15.17
N VAL A 1048 22.51 -21.84 -14.45
CA VAL A 1048 22.30 -21.50 -13.02
C VAL A 1048 21.22 -20.42 -12.94
N SER A 1049 21.23 -19.50 -13.90
CA SER A 1049 20.23 -18.40 -13.93
C SER A 1049 18.84 -18.97 -14.13
N LEU A 1050 18.71 -19.99 -14.98
CA LEU A 1050 17.37 -20.53 -15.31
C LEU A 1050 16.95 -21.54 -14.26
N ILE A 1051 17.91 -22.16 -13.59
CA ILE A 1051 17.50 -23.22 -12.68
C ILE A 1051 17.43 -22.77 -11.23
N CYS A 1052 17.86 -21.54 -10.92
CA CYS A 1052 17.86 -21.04 -9.56
C CYS A 1052 16.52 -20.39 -9.22
N GLU A 1053 16.07 -20.64 -8.00
CA GLU A 1053 14.88 -19.99 -7.44
C GLU A 1053 15.31 -19.07 -6.31
N ASN A 1054 14.83 -17.83 -6.35
CA ASN A 1054 15.18 -16.81 -5.37
C ASN A 1054 13.99 -16.61 -4.45
N ARG A 1055 14.20 -16.74 -3.15
CA ARG A 1055 13.14 -16.51 -2.17
C ARG A 1055 13.65 -15.52 -1.14
N SER A 1056 12.75 -14.64 -0.69
CA SER A 1056 13.07 -13.61 0.29
C SER A 1056 12.53 -14.02 1.65
N MET A 1057 13.41 -14.24 2.60
CA MET A 1057 12.97 -14.56 3.98
C MET A 1057 12.42 -13.28 4.62
N SER A 1058 11.13 -13.23 4.93
CA SER A 1058 10.52 -12.00 5.49
C SER A 1058 11.23 -11.59 6.78
N LYS A 1059 11.43 -12.54 7.68
CA LYS A 1059 12.03 -12.23 8.99
C LYS A 1059 13.47 -12.72 9.03
N THR A 1060 13.97 -13.00 10.22
CA THR A 1060 15.35 -13.55 10.37
C THR A 1060 15.23 -15.04 10.65
N LEU A 1061 16.22 -15.84 10.26
CA LEU A 1061 16.12 -17.31 10.39
C LEU A 1061 15.71 -17.69 11.82
N LYS A 1062 16.20 -16.96 12.82
CA LYS A 1062 15.94 -17.34 14.23
C LYS A 1062 14.44 -17.32 14.52
N GLU A 1063 13.69 -16.44 13.85
CA GLU A 1063 12.24 -16.29 14.12
C GLU A 1063 11.47 -17.36 13.36
N TYR A 1064 12.17 -18.21 12.63
CA TYR A 1064 11.53 -19.31 11.89
C TYR A 1064 11.83 -20.62 12.64
N GLU A 1065 12.18 -20.51 13.92
CA GLU A 1065 12.55 -21.71 14.72
C GLU A 1065 11.42 -22.73 14.70
N GLY A 1066 11.75 -24.00 14.51
CA GLY A 1066 10.73 -25.07 14.47
C GLY A 1066 10.03 -25.10 13.13
N GLN A 1067 10.74 -24.79 12.05
CA GLN A 1067 10.09 -24.71 10.72
C GLN A 1067 11.08 -25.15 9.64
N LYS A 1068 10.57 -25.80 8.59
CA LYS A 1068 11.46 -26.30 7.52
C LYS A 1068 11.07 -25.65 6.19
N SER A 1069 12.06 -25.17 5.43
CA SER A 1069 11.80 -24.53 4.16
C SER A 1069 13.11 -24.48 3.37
N THR A 1070 12.99 -24.42 2.05
CA THR A 1070 14.18 -24.24 1.22
C THR A 1070 14.88 -22.92 1.52
N SER A 1071 14.10 -21.89 1.87
CA SER A 1071 14.69 -20.60 2.23
C SER A 1071 15.47 -20.72 3.54
N ILE A 1072 14.94 -21.48 4.50
CA ILE A 1072 15.63 -21.68 5.78
C ILE A 1072 16.89 -22.51 5.58
N THR A 1073 16.77 -23.63 4.85
CA THR A 1073 17.92 -24.48 4.61
C THR A 1073 19.02 -23.73 3.86
N THR A 1074 18.63 -22.91 2.88
CA THR A 1074 19.61 -22.09 2.16
C THR A 1074 20.31 -21.13 3.10
N ALA A 1075 19.53 -20.40 3.90
CA ALA A 1075 20.13 -19.39 4.78
C ALA A 1075 21.00 -20.04 5.85
N ARG A 1076 20.58 -21.19 6.37
CA ARG A 1076 21.44 -21.94 7.29
C ARG A 1076 22.74 -22.35 6.60
N ARG A 1077 22.63 -22.91 5.39
CA ARG A 1077 23.82 -23.33 4.66
C ARG A 1077 24.64 -22.15 4.19
N LEU A 1078 24.00 -21.00 3.92
CA LEU A 1078 24.75 -19.78 3.65
C LEU A 1078 25.54 -19.34 4.86
N GLY A 1079 25.02 -19.59 6.07
CA GLY A 1079 25.75 -19.21 7.27
C GLY A 1079 26.95 -20.09 7.53
N ASP A 1080 26.81 -21.42 7.32
CA ASP A 1080 27.91 -22.33 7.59
C ASP A 1080 29.09 -22.07 6.66
N PHE A 1081 28.82 -21.52 5.48
CA PHE A 1081 29.88 -21.35 4.46
C PHE A 1081 30.42 -19.92 4.47
N LEU A 1082 29.56 -18.94 4.72
CA LEU A 1082 30.00 -17.56 4.68
C LEU A 1082 29.91 -16.85 6.03
N GLY A 1083 29.59 -17.57 7.10
CA GLY A 1083 29.54 -16.97 8.42
C GLY A 1083 28.12 -16.63 8.84
N GLU A 1084 27.94 -16.51 10.15
CA GLU A 1084 26.63 -16.15 10.71
C GLU A 1084 26.27 -14.69 10.49
N ASP A 1085 27.15 -13.90 9.88
CA ASP A 1085 26.86 -12.49 9.63
C ASP A 1085 25.92 -12.30 8.46
N MET A 1086 25.94 -13.22 7.49
CA MET A 1086 25.08 -13.13 6.33
C MET A 1086 23.63 -13.46 6.66
N VAL A 1087 23.33 -13.79 7.91
CA VAL A 1087 21.97 -14.21 8.24
C VAL A 1087 21.55 -13.36 9.44
N LYS A 1088 21.92 -12.08 9.40
CA LYS A 1088 21.57 -11.15 10.47
C LYS A 1088 20.50 -10.15 10.07
N ASP A 1089 20.50 -9.68 8.82
CA ASP A 1089 19.54 -8.69 8.37
C ASP A 1089 18.31 -9.37 7.79
N LYS A 1090 17.19 -8.66 7.81
CA LYS A 1090 15.94 -9.19 7.29
C LYS A 1090 15.94 -9.17 5.76
N GLY A 1091 14.88 -9.71 5.17
CA GLY A 1091 14.76 -9.73 3.73
C GLY A 1091 15.80 -10.54 3.02
N LEU A 1092 16.37 -11.55 3.68
CA LEU A 1092 17.44 -12.35 3.09
C LEU A 1092 16.96 -12.99 1.79
N GLN A 1093 17.62 -12.65 0.69
CA GLN A 1093 17.35 -13.27 -0.60
C GLN A 1093 18.04 -14.61 -0.66
N CYS A 1094 17.26 -15.68 -0.81
CA CYS A 1094 17.76 -17.05 -0.76
C CYS A 1094 17.74 -17.64 -2.16
N LYS A 1095 18.92 -17.67 -2.80
CA LYS A 1095 19.09 -18.27 -4.12
C LYS A 1095 19.65 -19.68 -3.93
N TYR A 1096 18.93 -20.68 -4.44
CA TYR A 1096 19.29 -22.07 -4.19
C TYR A 1096 19.01 -22.92 -5.42
N ILE A 1097 19.54 -24.14 -5.38
CA ILE A 1097 19.33 -25.16 -6.40
C ILE A 1097 19.00 -26.47 -5.69
N ILE A 1098 18.05 -27.23 -6.24
CA ILE A 1098 17.68 -28.52 -5.68
C ILE A 1098 18.63 -29.59 -6.23
N SER A 1099 19.24 -30.35 -5.32
CA SER A 1099 20.19 -31.38 -5.67
C SER A 1099 19.51 -32.75 -5.71
N SER A 1100 20.16 -33.69 -6.41
CA SER A 1100 19.63 -35.05 -6.51
C SER A 1100 19.86 -35.83 -5.22
N LYS A 1101 21.12 -35.82 -4.70
CA LYS A 1101 21.43 -36.34 -3.38
C LYS A 1101 21.24 -35.24 -2.33
N PRO A 1102 20.84 -35.57 -1.09
CA PRO A 1102 20.49 -36.90 -0.58
C PRO A 1102 19.27 -37.50 -1.30
N PHE A 1103 19.43 -38.62 -1.99
CA PHE A 1103 18.27 -39.33 -2.53
C PHE A 1103 17.34 -39.71 -1.39
N ASN A 1104 16.05 -39.86 -1.73
CA ASN A 1104 14.96 -40.20 -0.81
C ASN A 1104 14.77 -39.17 0.29
N ALA A 1105 15.34 -37.97 0.11
CA ALA A 1105 15.27 -36.93 1.12
C ALA A 1105 14.31 -35.83 0.69
N PRO A 1106 13.66 -35.18 1.66
CA PRO A 1106 12.74 -34.08 1.32
C PRO A 1106 13.44 -32.96 0.58
N VAL A 1107 12.67 -32.27 -0.27
CA VAL A 1107 13.21 -31.20 -1.10
C VAL A 1107 13.90 -30.15 -0.23
N THR A 1108 13.36 -29.88 0.96
CA THR A 1108 13.92 -28.86 1.83
C THR A 1108 15.35 -29.20 2.25
N GLU A 1109 15.68 -30.47 2.38
CA GLU A 1109 17.02 -30.88 2.76
C GLU A 1109 17.97 -30.97 1.57
N ARG A 1110 17.51 -30.61 0.37
CA ARG A 1110 18.32 -30.67 -0.83
C ARG A 1110 18.42 -29.31 -1.52
N ALA A 1111 18.31 -28.23 -0.76
CA ALA A 1111 18.39 -26.87 -1.29
C ALA A 1111 19.81 -26.36 -1.05
N ILE A 1112 20.61 -26.33 -2.10
CA ILE A 1112 22.01 -25.92 -2.04
C ILE A 1112 22.09 -24.46 -2.46
N PRO A 1113 22.65 -23.57 -1.64
CA PRO A 1113 22.82 -22.18 -2.07
C PRO A 1113 23.73 -22.08 -3.27
N VAL A 1114 23.38 -21.19 -4.20
CA VAL A 1114 24.12 -21.08 -5.46
C VAL A 1114 25.47 -20.39 -5.29
N ALA A 1115 25.69 -19.70 -4.18
CA ALA A 1115 26.97 -19.05 -3.94
C ALA A 1115 28.11 -20.05 -3.69
N ILE A 1116 27.78 -21.32 -3.44
CA ILE A 1116 28.82 -22.31 -3.19
C ILE A 1116 29.56 -22.64 -4.49
N PHE A 1117 28.90 -22.50 -5.64
CA PHE A 1117 29.53 -22.83 -6.91
C PHE A 1117 30.48 -21.73 -7.40
N SER A 1118 30.35 -20.53 -6.87
CA SER A 1118 31.29 -19.45 -7.15
C SER A 1118 32.44 -19.40 -6.16
N ALA A 1119 32.51 -20.37 -5.23
CA ALA A 1119 33.50 -20.35 -4.18
C ALA A 1119 34.79 -21.05 -4.62
N ASP A 1120 35.79 -21.01 -3.74
CA ASP A 1120 37.04 -21.69 -4.01
C ASP A 1120 36.81 -23.19 -4.14
N ILE A 1121 37.57 -23.82 -5.04
CA ILE A 1121 37.39 -25.25 -5.32
C ILE A 1121 37.50 -26.09 -4.05
N PRO A 1122 38.47 -25.86 -3.14
CA PRO A 1122 38.45 -26.63 -1.89
C PRO A 1122 37.23 -26.35 -1.02
N ILE A 1123 36.80 -25.08 -0.94
CA ILE A 1123 35.61 -24.77 -0.15
C ILE A 1123 34.37 -25.37 -0.78
N LYS A 1124 34.34 -25.48 -2.11
CA LYS A 1124 33.19 -26.04 -2.80
C LYS A 1124 32.96 -27.49 -2.42
N ARG A 1125 33.99 -28.33 -2.56
CA ARG A 1125 33.82 -29.75 -2.32
C ARG A 1125 33.43 -30.03 -0.88
N SER A 1126 34.05 -29.33 0.08
CA SER A 1126 33.80 -29.61 1.49
C SER A 1126 32.33 -29.43 1.85
N PHE A 1127 31.70 -28.35 1.36
CA PHE A 1127 30.31 -28.10 1.73
C PHE A 1127 29.34 -28.87 0.85
N LEU A 1128 29.68 -29.11 -0.42
CA LEU A 1128 28.84 -29.97 -1.25
C LEU A 1128 28.77 -31.37 -0.66
N ARG A 1129 29.94 -31.95 -0.32
CA ARG A 1129 29.97 -33.25 0.34
C ARG A 1129 29.04 -33.28 1.55
N ARG A 1130 29.16 -32.29 2.43
CA ARG A 1130 28.35 -32.27 3.64
C ARG A 1130 26.88 -32.08 3.33
N TRP A 1131 26.55 -31.44 2.21
CA TRP A 1131 25.16 -31.19 1.84
C TRP A 1131 24.58 -32.29 0.96
N THR A 1132 25.42 -33.08 0.29
CA THR A 1132 24.92 -34.23 -0.51
C THR A 1132 24.93 -35.47 0.36
N LEU A 1133 25.66 -35.43 1.48
CA LEU A 1133 25.82 -36.65 2.31
C LEU A 1133 26.58 -37.68 1.49
N ASP A 1134 27.44 -37.23 0.57
CA ASP A 1134 28.21 -38.14 -0.31
C ASP A 1134 29.70 -37.84 -0.18
N PRO A 1135 30.42 -38.53 0.74
CA PRO A 1135 31.84 -38.28 0.95
C PRO A 1135 32.69 -38.54 -0.30
N SER A 1136 32.32 -39.55 -1.09
CA SER A 1136 33.09 -39.92 -2.30
C SER A 1136 33.04 -38.80 -3.34
N LEU A 1137 32.18 -37.80 -3.14
CA LEU A 1137 31.98 -36.75 -4.17
C LEU A 1137 33.30 -36.29 -4.81
N GLU A 1138 33.34 -36.18 -6.14
CA GLU A 1138 34.54 -35.69 -6.86
C GLU A 1138 34.06 -34.80 -8.00
N ASP A 1139 33.03 -35.23 -8.75
CA ASP A 1139 32.45 -34.38 -9.83
C ASP A 1139 31.62 -33.26 -9.21
N LEU A 1140 31.71 -32.06 -9.77
CA LEU A 1140 31.00 -30.89 -9.19
C LEU A 1140 30.20 -30.16 -10.27
N ASP A 1141 30.23 -30.65 -11.51
CA ASP A 1141 29.41 -30.03 -12.57
C ASP A 1141 27.97 -30.01 -12.07
N ILE A 1142 27.33 -28.85 -12.07
CA ILE A 1142 25.95 -28.72 -11.52
C ILE A 1142 25.03 -29.70 -12.26
N ARG A 1143 25.37 -30.04 -13.49
CA ARG A 1143 24.50 -30.92 -14.30
C ARG A 1143 24.46 -32.29 -13.61
N THR A 1144 25.43 -32.56 -12.75
CA THR A 1144 25.48 -33.89 -12.09
C THR A 1144 24.71 -33.83 -10.78
N ILE A 1145 24.64 -32.65 -10.17
CA ILE A 1145 24.00 -32.53 -8.82
C ILE A 1145 22.52 -32.17 -8.96
N ILE A 1146 22.13 -31.47 -10.02
CA ILE A 1146 20.73 -30.98 -10.18
C ILE A 1146 19.74 -32.14 -10.30
N ASP A 1147 18.63 -32.08 -9.57
CA ASP A 1147 17.55 -33.09 -9.68
C ASP A 1147 16.73 -32.71 -10.91
N TRP A 1148 17.22 -33.06 -12.10
CA TRP A 1148 16.55 -32.65 -13.36
C TRP A 1148 15.08 -33.07 -13.36
N GLY A 1149 14.72 -34.08 -12.57
CA GLY A 1149 13.33 -34.57 -12.54
C GLY A 1149 12.41 -33.60 -11.81
N TYR A 1150 12.90 -32.99 -10.73
CA TYR A 1150 12.11 -31.98 -9.98
C TYR A 1150 11.80 -30.82 -10.90
N TYR A 1151 12.80 -30.39 -11.64
CA TYR A 1151 12.62 -29.23 -12.57
C TYR A 1151 11.74 -29.62 -13.75
N ARG A 1152 11.78 -30.88 -14.15
CA ARG A 1152 10.96 -31.36 -15.30
C ARG A 1152 9.50 -31.46 -14.85
N GLU A 1153 9.28 -31.90 -13.62
CA GLU A 1153 7.89 -31.98 -13.09
C GLU A 1153 7.33 -30.57 -12.98
N ARG A 1154 8.14 -29.61 -12.55
CA ARG A 1154 7.67 -28.21 -12.40
C ARG A 1154 7.31 -27.65 -13.77
N LEU A 1155 8.20 -27.81 -14.76
CA LEU A 1155 7.86 -27.35 -16.13
C LEU A 1155 6.57 -28.05 -16.58
N GLY A 1156 6.44 -29.33 -16.25
CA GLY A 1156 5.26 -30.09 -16.71
C GLY A 1156 4.00 -29.57 -16.09
N SER A 1157 4.04 -29.23 -14.81
CA SER A 1157 2.84 -28.76 -14.09
C SER A 1157 2.33 -27.50 -14.80
N ALA A 1158 3.26 -26.63 -15.19
CA ALA A 1158 2.90 -25.38 -15.88
C ALA A 1158 2.31 -25.68 -17.25
N ILE A 1159 2.90 -26.62 -17.99
CA ILE A 1159 2.42 -26.97 -19.36
C ILE A 1159 1.01 -27.56 -19.24
N GLN A 1160 0.77 -28.28 -18.17
CA GLN A 1160 -0.55 -28.93 -17.96
C GLN A 1160 -1.61 -27.89 -17.65
N LYS A 1161 -1.25 -26.83 -16.92
CA LYS A 1161 -2.26 -25.84 -16.45
C LYS A 1161 -2.56 -24.78 -17.51
N ILE A 1162 -1.58 -24.40 -18.33
CA ILE A 1162 -1.79 -23.29 -19.30
C ILE A 1162 -2.07 -23.86 -20.70
N ILE A 1163 -1.76 -25.13 -20.95
CA ILE A 1163 -1.91 -25.66 -22.34
C ILE A 1163 -2.68 -26.98 -22.39
N THR A 1164 -2.07 -28.09 -21.95
CA THR A 1164 -2.67 -29.44 -22.10
C THR A 1164 -4.07 -29.59 -21.49
N ILE A 1165 -4.24 -29.37 -20.18
CA ILE A 1165 -5.56 -29.60 -19.53
C ILE A 1165 -6.60 -28.61 -20.08
N PRO A 1166 -6.26 -27.33 -20.31
CA PRO A 1166 -7.20 -26.40 -20.92
C PRO A 1166 -7.63 -26.86 -22.32
N ALA A 1167 -6.70 -27.43 -23.08
CA ALA A 1167 -7.00 -27.93 -24.45
C ALA A 1167 -8.01 -29.06 -24.38
N ALA A 1168 -7.87 -29.92 -23.39
CA ALA A 1168 -8.84 -31.03 -23.22
C ALA A 1168 -10.21 -30.44 -22.94
N LEU A 1169 -10.28 -29.41 -22.10
CA LEU A 1169 -11.60 -28.85 -21.71
C LEU A 1169 -12.18 -28.11 -22.91
N GLN A 1170 -11.36 -27.83 -23.91
CA GLN A 1170 -11.84 -27.19 -25.16
C GLN A 1170 -12.01 -28.27 -26.23
N GLY A 1171 -11.68 -29.52 -25.91
CA GLY A 1171 -11.91 -30.64 -26.85
C GLY A 1171 -10.66 -31.08 -27.56
N VAL A 1172 -9.63 -30.25 -27.60
CA VAL A 1172 -8.38 -30.59 -28.34
C VAL A 1172 -7.68 -31.75 -27.64
N SER A 1173 -6.84 -32.50 -28.38
CA SER A 1173 -6.13 -33.67 -27.80
C SER A 1173 -4.80 -33.12 -27.26
N ASN A 1174 -4.17 -33.86 -26.35
CA ASN A 1174 -2.92 -33.36 -25.70
C ASN A 1174 -2.05 -32.83 -26.83
N PRO A 1175 -1.72 -31.52 -26.84
CA PRO A 1175 -0.85 -30.95 -27.85
C PRO A 1175 0.62 -31.18 -27.49
N VAL A 1176 0.89 -31.58 -26.25
CA VAL A 1176 2.28 -31.89 -25.80
C VAL A 1176 2.24 -33.29 -25.19
N PRO A 1177 2.24 -34.35 -26.01
CA PRO A 1177 2.13 -35.71 -25.51
C PRO A 1177 3.34 -36.06 -24.63
N ARG A 1178 4.45 -35.33 -24.80
CA ARG A 1178 5.63 -35.54 -23.94
C ARG A 1178 5.21 -35.19 -22.51
N VAL A 1179 4.11 -34.47 -22.36
CA VAL A 1179 3.55 -34.20 -21.00
C VAL A 1179 2.23 -34.94 -20.94
N GLU A 1180 2.13 -35.90 -20.02
CA GLU A 1180 0.93 -36.78 -19.96
C GLU A 1180 -0.18 -36.19 -19.11
N HIS A 1181 -1.42 -36.49 -19.46
CA HIS A 1181 -2.59 -35.90 -18.75
C HIS A 1181 -2.73 -36.55 -17.38
N PRO A 1182 -3.33 -35.84 -16.40
CA PRO A 1182 -3.60 -36.44 -15.11
C PRO A 1182 -4.50 -37.65 -15.35
N ASP A 1183 -4.48 -38.60 -14.41
CA ASP A 1183 -5.25 -39.85 -14.60
C ASP A 1183 -6.74 -39.52 -14.75
N TRP A 1184 -7.24 -38.59 -13.95
CA TRP A 1184 -8.69 -38.27 -13.96
C TRP A 1184 -9.09 -37.83 -15.37
N LEU A 1185 -8.23 -37.09 -16.06
CA LEU A 1185 -8.54 -36.61 -17.42
C LEU A 1185 -8.46 -37.81 -18.37
N LYS A 1186 -7.55 -38.73 -18.09
CA LYS A 1186 -7.38 -39.93 -18.94
C LYS A 1186 -8.69 -40.73 -18.89
N ARG A 1187 -9.29 -40.84 -17.71
CA ARG A 1187 -10.55 -41.58 -17.56
C ARG A 1187 -11.68 -40.82 -18.26
N LYS A 1188 -11.70 -39.50 -18.12
CA LYS A 1188 -12.82 -38.70 -18.68
C LYS A 1188 -12.89 -38.88 -20.19
N ILE A 1189 -11.76 -39.08 -20.86
CA ILE A 1189 -11.82 -39.16 -22.35
C ILE A 1189 -12.63 -40.39 -22.71
N ALA A 1190 -12.91 -41.26 -21.73
CA ALA A 1190 -13.75 -42.45 -21.95
C ALA A 1190 -15.09 -42.31 -21.22
N1 DOC B 11 -7.96 -6.72 -5.22
C2 DOC B 11 -7.86 -6.75 -3.82
N3 DOC B 11 -6.71 -6.35 -3.25
C4 DOC B 11 -5.69 -5.91 -3.99
C5 DOC B 11 -5.78 -5.87 -5.41
C6 DOC B 11 -6.92 -6.27 -5.98
O2 DOC B 11 -8.82 -7.17 -3.17
N4 DOC B 11 -4.59 -5.52 -3.37
C1' DOC B 11 -9.22 -7.17 -5.85
C2' DOC B 11 -9.96 -6.08 -6.60
C3' DOC B 11 -10.67 -6.87 -7.67
C4' DOC B 11 -9.66 -7.95 -8.01
O4' DOC B 11 -8.88 -8.16 -6.81
C5' DOC B 11 -8.73 -7.62 -9.14
O5' DOC B 11 -9.00 -8.50 -10.25
P DOC B 11 -7.77 -9.07 -11.10
OP1 DOC B 11 -8.36 -9.95 -12.17
OP2 DOC B 11 -6.96 -7.91 -11.63
CA CA D . -13.45 -1.52 -9.71
CA CA E . -11.21 -0.37 -13.19
CA CA F . 23.66 2.19 -5.58
N1 CTP G . -9.08 -3.04 -3.04
C2 CTP G . -8.39 -2.95 -1.83
N3 CTP G . -7.05 -2.82 -1.85
C4 CTP G . -6.40 -2.75 -3.01
C5 CTP G . -7.07 -2.83 -4.25
C6 CTP G . -8.41 -2.97 -4.23
O2 CTP G . -9.04 -3.02 -0.78
N4 CTP G . -5.08 -2.62 -2.97
C1' CTP G . -10.56 -3.17 -2.98
C2' CTP G . -11.25 -1.81 -2.83
O2' CTP G . -12.26 -1.90 -1.86
C3' CTP G . -11.78 -1.57 -4.25
C4' CTP G . -12.14 -2.99 -4.68
O4' CTP G . -11.02 -3.75 -4.18
O3' CTP G . -12.92 -0.71 -4.29
C5' CTP G . -12.29 -3.22 -6.16
O5' CTP G . -10.99 -3.31 -6.76
PA CTP G . -10.66 -2.36 -8.00
O1A CTP G . -11.69 -2.56 -9.05
O2A CTP G . -9.23 -2.50 -8.36
O3A CTP G . -10.89 -0.92 -7.34
PB CTP G . -11.83 0.31 -7.73
O1B CTP G . -11.75 1.31 -6.64
O2B CTP G . -13.14 -0.22 -8.16
O3B CTP G . -11.05 0.87 -9.00
PG CTP G . -11.45 0.93 -10.55
O1G CTP G . -12.08 2.27 -10.74
O2G CTP G . -10.20 0.76 -11.33
O3G CTP G . -12.43 -0.20 -10.75
C ACT H . 21.47 0.88 -5.13
O ACT H . 21.98 1.83 -4.48
OXT ACT H . 22.03 0.12 -5.98
CH3 ACT H . 19.95 0.58 -4.87
#